data_5AMC
#
_entry.id   5AMC
#
_cell.length_a   73.029
_cell.length_b   76.470
_cell.length_c   83.158
_cell.angle_alpha   88.78
_cell.angle_beta   64.25
_cell.angle_gamma   75.64
#
_symmetry.space_group_name_H-M   'P 1'
#
loop_
_entity.id
_entity.type
_entity.pdbx_description
1 polymer 'ANGIOTENSIN-CONVERTING ENZYME'
2 polymer 'ANGIOTENSIN-CONVERTING ENZYME'
3 branched alpha-L-fucopyranose-(1-6)-2-acetamido-2-deoxy-beta-D-glucopyranose
4 branched 2-acetamido-2-deoxy-beta-D-glucopyranose-(1-4)-2-acetamido-2-deoxy-beta-D-glucopyranose
5 branched beta-D-mannopyranose-(1-4)-2-acetamido-2-deoxy-beta-D-glucopyranose-(1-4)-[alpha-L-fucopyranose-(1-6)]2-acetamido-2-deoxy-beta-D-glucopyranose
6 branched beta-D-mannopyranose-(1-4)-2-acetamido-2-deoxy-beta-D-glucopyranose-(1-4)-2-acetamido-2-deoxy-beta-D-glucopyranose
7 non-polymer GLYCINE
8 non-polymer META-NITRO-TYROSINE
9 non-polymer 'ZINC ION'
10 non-polymer 'CHLORIDE ION'
11 non-polymer DI(HYDROXYETHYL)ETHER
12 non-polymer 'TETRAETHYLENE GLYCOL'
13 non-polymer 'HEXAETHYLENE GLYCOL'
14 water water
#
loop_
_entity_poly.entity_id
_entity_poly.type
_entity_poly.pdbx_seq_one_letter_code
_entity_poly.pdbx_strand_id
1 'polypeptide(L)'
;LDPGLQPGQFSAEDAGAQLFAQSYQSSAEQVLFQSVAASWAHDTNITAENARRQEEAALLSQEFAEAWGQKAKELYEPIW
QQFTDPQLRRIIGAVRTLGSANLPLAKRQQYNALLSQMSRIYSTAKVCLPQKTATCWSLDPDLTNILASSRSYAMLLFAW
EGWHNAAGIPLKPLYEDFTALSNEAYKQDGFTDTGAYWRSWYNSPTFEDDLEHLYQQLEPLYLNLHAFVRRALHRRYGDR
YINLRGPIPAHLLGDMWAQSWENIYDMVVPFPDKPNLDVTSTMLQQGWQATHMFRVAEEFFTSLELSPMPPEFWEGSMLE
KPADGREVVCHASAWDFYNRKDFRIKQCTRVTMDQLSTVHHEMGHIQYYLQYKDLPVSLRRGANPGFHEAIGDVLALSVS
TPEHLHKIGLLDRVTNDTESDINYLLKMALEKIAFLPFGYLVDQWRWGVFSGRTPPSRYNFDWWYLRTKYQGICPPVTRN
ETHFDAGAKFHVPNVTPYIRYFVSFVLQFQFHEALCKEAGYEGPLHQCDIYRSTKAGAKLRKVLRAGSSRPWQEVLKDMV
GLDALDAQPLLKYFQLVTQWLQEQNQQNGEVLGWPEYQWHPPLPDNYPEGIDLVTDEAEASKFVEEYDL
;
A
2 'polypeptide(L)'
;LDPGLQPGQFSADEAGAQLFAQSYQSSAEQVLFQSVAASWAHDTNITAENARRQEEAALLSQEFAEAWGQKAKELYEPIW
QQFTDPQLRRIIGAVRTLGSANLPLAKRQQYNALLSQMSRIYSTAKVCLPQKTATCWSLDPDLTNILASSRSYAMLLFAW
EGWHNAAGIPLKPLYEDFTALSNEAYKQDGFTDTGAYWRSWYNSPTFEDDLEHLYQQLEPLYLNLHAFVRRALHRRYGDR
YINLRGPIPAHLLGDMWAQSWENIYDMVVPFPDKPNLDVTSTMLQQGWQATHMFRVAEEFFTSLELSPMPPEFWEGSMLE
KPADGREVVCHASAWDFYNRKDFRIKQCTRVTMDQLSTVHHEMGHIQYYLQYKDLPVSLRRGANPGFHEAIGDVLALSVS
TPEHLHKIGLLDRVTNDTESDINYLLKMALEKIAFLPFGYLVDQWRWGVFSGRTPPSRYNFDWWYLRTKYQGICPPVTRN
ETHFDAGAKFHVPNVTPYIRYFVSFVLQFQFHEALCKEAGYEGPLHQCDIYRSTKAGAKLRKVLRAGSSRPWQEVLKDMV
GLDALDAQPLLKYFQLVTQWLQEQNQQNGEVLGWPEYQWHPPLPDNYPEGIDLVTDEAEASKFVEEYDL
;
B
#
# COMPACT_ATOMS: atom_id res chain seq x y z
N LEU A 1 9.86 5.19 43.49
CA LEU A 1 9.03 6.42 43.43
C LEU A 1 8.81 6.98 44.83
N ASP A 2 9.06 8.28 44.99
CA ASP A 2 8.88 8.97 46.27
C ASP A 2 7.45 8.75 46.83
N PRO A 3 7.33 8.45 48.15
CA PRO A 3 6.03 8.20 48.76
C PRO A 3 4.97 9.28 48.51
N GLY A 4 5.38 10.55 48.54
CA GLY A 4 4.49 11.65 48.18
C GLY A 4 3.87 11.57 46.78
N LEU A 5 4.61 10.99 45.83
CA LEU A 5 4.14 10.79 44.45
C LEU A 5 3.35 9.50 44.19
N GLN A 6 3.29 8.60 45.18
CA GLN A 6 2.60 7.33 45.03
C GLN A 6 1.11 7.47 45.25
N PRO A 7 0.28 6.68 44.54
CA PRO A 7 -1.16 6.71 44.76
C PRO A 7 -1.60 6.02 46.03
N GLY A 8 -2.62 6.59 46.68
CA GLY A 8 -3.21 6.02 47.89
C GLY A 8 -4.40 5.19 47.52
N GLN A 9 -5.39 5.14 48.41
CA GLN A 9 -6.61 4.40 48.12
C GLN A 9 -7.72 5.32 47.73
N PHE A 10 -8.60 4.75 46.93
CA PHE A 10 -9.75 5.42 46.41
C PHE A 10 -10.81 4.37 46.21
N SER A 11 -12.05 4.77 46.40
CA SER A 11 -13.17 3.94 46.13
C SER A 11 -13.17 3.52 44.67
N ALA A 12 -13.76 2.36 44.41
CA ALA A 12 -13.83 1.82 43.08
C ALA A 12 -15.01 2.44 42.31
N GLU A 13 -15.00 3.76 42.12
CA GLU A 13 -16.10 4.47 41.45
C GLU A 13 -15.74 5.90 41.00
N ASP A 14 -16.74 6.57 40.39
CA ASP A 14 -16.63 7.93 39.86
C ASP A 14 -16.12 8.89 40.94
N ALA A 15 -16.77 8.86 42.12
CA ALA A 15 -16.40 9.79 43.20
C ALA A 15 -14.96 9.56 43.65
N GLY A 16 -14.54 8.29 43.74
CA GLY A 16 -13.13 7.94 44.00
C GLY A 16 -12.17 8.36 42.88
N ALA A 17 -12.62 8.14 41.64
CA ALA A 17 -11.89 8.64 40.45
C ALA A 17 -11.57 10.14 40.46
N GLN A 18 -12.51 10.96 40.97
CA GLN A 18 -12.40 12.40 40.98
C GLN A 18 -11.36 12.89 42.01
N LEU A 19 -11.34 12.25 43.18
CA LEU A 19 -10.26 12.46 44.17
C LEU A 19 -8.95 11.85 43.67
N PHE A 20 -9.05 10.72 42.98
CA PHE A 20 -7.85 10.09 42.30
C PHE A 20 -7.16 11.02 41.28
N ALA A 21 -7.97 11.67 40.45
CA ALA A 21 -7.45 12.65 39.46
C ALA A 21 -6.82 13.88 40.13
N GLN A 22 -7.49 14.43 41.15
CA GLN A 22 -6.97 15.59 41.89
C GLN A 22 -5.68 15.25 42.65
N SER A 23 -5.62 14.05 43.22
CA SER A 23 -4.40 13.56 43.83
C SER A 23 -3.30 13.37 42.78
N TYR A 24 -3.66 12.79 41.63
CA TYR A 24 -2.71 12.68 40.48
C TYR A 24 -2.17 14.04 40.03
N GLN A 25 -3.11 14.98 39.86
CA GLN A 25 -2.83 16.34 39.42
C GLN A 25 -1.72 16.94 40.27
N SER A 26 -1.83 16.78 41.58
CA SER A 26 -0.88 17.32 42.54
C SER A 26 0.54 16.77 42.33
N SER A 27 0.63 15.46 42.12
CA SER A 27 1.93 14.79 41.94
C SER A 27 2.47 14.99 40.51
N ALA A 28 1.57 14.93 39.53
CA ALA A 28 1.94 14.95 38.10
C ALA A 28 2.69 16.20 37.62
N GLU A 29 2.39 17.38 38.17
CA GLU A 29 3.07 18.61 37.73
C GLU A 29 4.54 18.59 38.08
N GLN A 30 4.87 18.09 39.26
CA GLN A 30 6.26 17.89 39.63
C GLN A 30 6.95 16.91 38.69
N VAL A 31 6.27 15.81 38.39
CA VAL A 31 6.84 14.73 37.55
C VAL A 31 6.93 15.19 36.08
N LEU A 32 5.85 15.75 35.55
CA LEU A 32 5.90 16.43 34.27
C LEU A 32 6.96 17.54 34.27
N PHE A 33 6.98 18.42 35.28
CA PHE A 33 8.01 19.47 35.34
C PHE A 33 9.44 18.94 35.25
N GLN A 34 9.81 17.97 36.11
CA GLN A 34 11.19 17.46 36.11
C GLN A 34 11.58 16.81 34.79
N SER A 35 10.63 16.14 34.16
CA SER A 35 10.83 15.56 32.83
C SER A 35 11.10 16.64 31.77
N VAL A 36 10.20 17.62 31.70
CA VAL A 36 10.36 18.71 30.72
C VAL A 36 11.67 19.47 30.99
N ALA A 37 11.96 19.78 32.26
CA ALA A 37 13.20 20.51 32.59
C ALA A 37 14.45 19.77 32.16
N ALA A 38 14.47 18.47 32.42
CA ALA A 38 15.62 17.65 32.01
C ALA A 38 15.73 17.58 30.49
N SER A 39 14.58 17.46 29.81
CA SER A 39 14.58 17.52 28.34
C SER A 39 15.09 18.88 27.83
N TRP A 40 14.65 19.97 28.47
CA TRP A 40 15.13 21.32 28.08
C TRP A 40 16.64 21.43 28.23
N ALA A 41 17.14 21.01 29.38
CA ALA A 41 18.56 21.05 29.66
C ALA A 41 19.35 20.24 28.64
N HIS A 42 18.78 19.12 28.20
CA HIS A 42 19.42 18.31 27.17
C HIS A 42 19.37 18.99 25.79
N ASP A 43 18.16 19.39 25.37
CA ASP A 43 17.96 19.90 23.99
C ASP A 43 18.62 21.27 23.74
N THR A 44 18.86 22.07 24.79
CA THR A 44 19.57 23.36 24.64
C THR A 44 21.07 23.23 24.91
N ASN A 45 21.56 22.00 25.10
CA ASN A 45 22.93 21.75 25.57
C ASN A 45 23.15 20.22 25.56
N ILE A 46 23.35 19.67 24.36
CA ILE A 46 23.37 18.22 24.17
C ILE A 46 24.71 17.68 24.67
N THR A 47 24.67 16.99 25.80
CA THR A 47 25.85 16.30 26.36
C THR A 47 25.47 14.93 26.91
N ALA A 48 26.46 14.06 27.01
CA ALA A 48 26.28 12.73 27.59
C ALA A 48 25.63 12.82 28.97
N GLU A 49 26.09 13.75 29.79
CA GLU A 49 25.58 13.90 31.15
C GLU A 49 24.14 14.42 31.18
N ASN A 50 23.83 15.38 30.32
CA ASN A 50 22.43 15.82 30.18
C ASN A 50 21.50 14.73 29.64
N ALA A 51 22.01 13.84 28.79
CA ALA A 51 21.22 12.69 28.32
C ALA A 51 20.91 11.69 29.44
N ARG A 52 21.93 11.40 30.26
CA ARG A 52 21.77 10.54 31.43
C ARG A 52 20.71 11.09 32.37
N ARG A 53 20.79 12.40 32.64
CA ARG A 53 19.78 13.08 33.46
C ARG A 53 18.38 13.00 32.88
N GLN A 54 18.28 13.19 31.58
CA GLN A 54 16.98 13.13 30.90
C GLN A 54 16.43 11.69 30.95
N GLU A 55 17.30 10.71 30.76
CA GLU A 55 16.90 9.29 30.90
C GLU A 55 16.42 8.91 32.28
N GLU A 56 17.09 9.42 33.31
CA GLU A 56 16.64 9.19 34.69
C GLU A 56 15.30 9.89 34.95
N ALA A 57 15.12 11.09 34.43
CA ALA A 57 13.80 11.75 34.51
C ALA A 57 12.71 10.94 33.80
N ALA A 58 13.05 10.38 32.65
CA ALA A 58 12.12 9.55 31.90
C ALA A 58 11.75 8.29 32.66
N LEU A 59 12.73 7.62 33.30
CA LEU A 59 12.43 6.48 34.20
C LEU A 59 11.48 6.82 35.31
N LEU A 60 11.71 7.97 35.95
CA LEU A 60 10.85 8.43 37.01
C LEU A 60 9.43 8.62 36.49
N SER A 61 9.26 9.25 35.31
CA SER A 61 7.92 9.41 34.73
C SER A 61 7.24 8.11 34.46
N GLN A 62 8.01 7.12 33.99
CA GLN A 62 7.52 5.76 33.82
C GLN A 62 7.15 5.06 35.13
N GLU A 63 7.94 5.28 36.17
CA GLU A 63 7.59 4.76 37.51
C GLU A 63 6.23 5.32 37.95
N PHE A 64 6.14 6.63 37.87
CA PHE A 64 4.90 7.38 38.16
C PHE A 64 3.74 6.86 37.33
N ALA A 65 3.95 6.75 36.01
CA ALA A 65 2.90 6.28 35.10
C ALA A 65 2.49 4.85 35.36
N GLU A 66 3.44 3.99 35.71
CA GLU A 66 3.13 2.63 36.14
C GLU A 66 2.30 2.57 37.41
N ALA A 67 2.71 3.30 38.44
CA ALA A 67 2.01 3.27 39.73
C ALA A 67 0.54 3.69 39.53
N TRP A 68 0.36 4.89 38.99
CA TRP A 68 -0.98 5.47 38.81
C TRP A 68 -1.79 4.72 37.75
N GLY A 69 -1.12 4.29 36.68
CA GLY A 69 -1.71 3.38 35.68
C GLY A 69 -2.26 2.07 36.17
N GLN A 70 -1.48 1.30 36.93
CA GLN A 70 -1.94 0.02 37.48
C GLN A 70 -3.05 0.19 38.51
N LYS A 71 -3.02 1.29 39.26
CA LYS A 71 -4.08 1.57 40.24
C LYS A 71 -5.42 1.73 39.51
N ALA A 72 -5.44 2.57 38.46
CA ALA A 72 -6.63 2.75 37.59
C ALA A 72 -7.23 1.46 37.04
N LYS A 73 -6.40 0.49 36.66
CA LYS A 73 -6.86 -0.81 36.14
C LYS A 73 -7.28 -1.79 37.24
N GLU A 74 -6.63 -1.73 38.40
CA GLU A 74 -7.03 -2.52 39.56
C GLU A 74 -8.50 -2.22 39.95
N LEU A 75 -8.84 -0.95 40.00
CA LEU A 75 -10.16 -0.50 40.48
C LEU A 75 -11.26 -0.47 39.40
N TYR A 76 -10.87 -0.14 38.16
CA TYR A 76 -11.82 0.29 37.11
C TYR A 76 -11.85 -0.47 35.78
N GLU A 77 -10.81 -1.23 35.44
CA GLU A 77 -10.70 -1.80 34.08
C GLU A 77 -12.01 -2.41 33.53
N PRO A 78 -12.72 -3.23 34.33
CA PRO A 78 -13.98 -3.77 33.80
C PRO A 78 -15.17 -2.80 33.70
N ILE A 79 -15.05 -1.54 34.16
CA ILE A 79 -16.21 -0.60 34.24
C ILE A 79 -15.97 0.90 33.91
N TRP A 80 -14.76 1.29 33.50
CA TRP A 80 -14.34 2.73 33.59
C TRP A 80 -14.95 3.80 32.64
N GLN A 81 -15.47 3.36 31.49
CA GLN A 81 -15.83 4.28 30.40
C GLN A 81 -17.21 4.90 30.59
N GLN A 82 -17.91 4.49 31.64
CA GLN A 82 -19.31 4.83 31.88
C GLN A 82 -19.46 6.03 32.82
N PHE A 83 -18.34 6.64 33.25
CA PHE A 83 -18.42 7.82 34.11
C PHE A 83 -19.21 8.96 33.44
N THR A 84 -19.99 9.64 34.24
CA THR A 84 -20.84 10.70 33.77
C THR A 84 -20.06 12.02 33.56
N ASP A 85 -18.90 12.17 34.22
CA ASP A 85 -18.09 13.38 34.04
C ASP A 85 -17.21 13.15 32.82
N PRO A 86 -17.49 13.86 31.70
CA PRO A 86 -16.68 13.57 30.49
C PRO A 86 -15.21 13.99 30.58
N GLN A 87 -14.94 15.06 31.31
CA GLN A 87 -13.57 15.53 31.55
C GLN A 87 -12.79 14.51 32.37
N LEU A 88 -13.47 13.95 33.37
CA LEU A 88 -12.91 12.90 34.22
C LEU A 88 -12.68 11.60 33.44
N ARG A 89 -13.61 11.19 32.56
CA ARG A 89 -13.31 10.07 31.65
C ARG A 89 -12.03 10.33 30.81
N ARG A 90 -11.89 11.55 30.32
CA ARG A 90 -10.67 11.90 29.54
C ARG A 90 -9.38 11.84 30.39
N ILE A 91 -9.47 12.30 31.65
CA ILE A 91 -8.34 12.27 32.58
C ILE A 91 -7.96 10.83 32.88
N ILE A 92 -8.97 10.06 33.29
CA ILE A 92 -8.78 8.62 33.56
C ILE A 92 -8.24 7.88 32.36
N GLY A 93 -8.79 8.18 31.20
CA GLY A 93 -8.45 7.44 29.97
C GLY A 93 -6.99 7.57 29.63
N ALA A 94 -6.46 8.80 29.76
CA ALA A 94 -5.05 9.08 29.62
C ALA A 94 -4.19 8.35 30.68
N VAL A 95 -4.62 8.46 31.94
CA VAL A 95 -3.88 7.85 33.08
C VAL A 95 -3.69 6.35 32.90
N ARG A 96 -4.75 5.63 32.51
CA ARG A 96 -4.65 4.17 32.36
C ARG A 96 -3.94 3.64 31.08
N THR A 97 -3.49 4.52 30.19
CA THR A 97 -2.66 4.08 29.07
C THR A 97 -1.23 4.25 29.51
N LEU A 98 -0.58 3.14 29.83
CA LEU A 98 0.79 3.15 30.40
C LEU A 98 1.86 3.42 29.36
N GLY A 99 1.66 2.91 28.14
CA GLY A 99 2.62 3.14 27.05
C GLY A 99 3.94 2.49 27.41
N SER A 100 5.03 3.22 27.27
CA SER A 100 6.38 2.69 27.54
C SER A 100 6.58 2.21 29.00
N ALA A 101 5.72 2.66 29.92
CA ALA A 101 5.69 2.15 31.29
C ALA A 101 5.19 0.69 31.42
N ASN A 102 4.66 0.09 30.35
CA ASN A 102 4.35 -1.34 30.33
C ASN A 102 5.58 -2.21 30.19
N LEU A 103 6.66 -1.63 29.69
CA LEU A 103 7.91 -2.36 29.47
C LEU A 103 8.56 -2.71 30.79
N PRO A 104 9.10 -3.94 30.92
CA PRO A 104 9.94 -4.21 32.09
C PRO A 104 11.11 -3.22 32.15
N LEU A 105 11.69 -3.05 33.34
CA LEU A 105 12.73 -2.03 33.59
C LEU A 105 13.85 -2.02 32.58
N ALA A 106 14.42 -3.19 32.30
CA ALA A 106 15.52 -3.29 31.34
C ALA A 106 15.12 -2.76 29.97
N LYS A 107 13.89 -3.06 29.53
CA LYS A 107 13.40 -2.58 28.24
C LYS A 107 13.06 -1.07 28.25
N ARG A 108 12.55 -0.55 29.37
CA ARG A 108 12.35 0.89 29.55
C ARG A 108 13.62 1.67 29.40
N GLN A 109 14.66 1.19 30.07
CA GLN A 109 15.96 1.82 29.98
C GLN A 109 16.49 1.76 28.55
N GLN A 110 16.32 0.61 27.88
CA GLN A 110 16.65 0.44 26.46
C GLN A 110 15.89 1.46 25.61
N TYR A 111 14.59 1.58 25.86
CA TYR A 111 13.70 2.47 25.10
C TYR A 111 14.14 3.93 25.27
N ASN A 112 14.40 4.34 26.52
CA ASN A 112 14.84 5.68 26.82
C ASN A 112 16.18 6.03 26.20
N ALA A 113 17.13 5.10 26.24
CA ALA A 113 18.43 5.31 25.61
C ALA A 113 18.32 5.43 24.09
N LEU A 114 17.45 4.62 23.48
CA LEU A 114 17.19 4.73 22.04
C LEU A 114 16.68 6.12 21.65
N LEU A 115 15.70 6.64 22.36
CA LEU A 115 15.17 7.97 22.07
C LEU A 115 16.27 9.02 22.20
N SER A 116 17.08 8.93 23.28
CA SER A 116 18.18 9.85 23.50
C SER A 116 19.21 9.78 22.38
N GLN A 117 19.60 8.56 21.98
CA GLN A 117 20.61 8.37 20.94
CA GLN A 117 20.62 8.38 20.94
C GLN A 117 20.12 8.82 19.57
N MET A 118 18.84 8.55 19.28
CA MET A 118 18.26 8.97 17.98
C MET A 118 18.24 10.50 17.90
N SER A 119 17.83 11.14 18.99
CA SER A 119 17.80 12.61 19.07
C SER A 119 19.17 13.23 18.85
N ARG A 120 20.19 12.68 19.52
CA ARG A 120 21.57 13.13 19.40
C ARG A 120 22.06 12.96 17.99
N ILE A 121 21.81 11.81 17.37
CA ILE A 121 22.29 11.58 16.02
C ILE A 121 21.68 12.60 15.04
N TYR A 122 20.38 12.84 15.15
CA TYR A 122 19.72 13.79 14.26
C TYR A 122 20.23 15.23 14.45
N SER A 123 20.30 15.68 15.69
CA SER A 123 20.64 17.07 15.97
C SER A 123 22.13 17.40 15.96
N THR A 124 23.01 16.38 15.92
CA THR A 124 24.47 16.61 15.85
C THR A 124 25.11 16.14 14.54
N ALA A 125 24.32 15.54 13.63
CA ALA A 125 24.86 15.12 12.34
C ALA A 125 25.41 16.31 11.55
N LYS A 126 26.50 16.07 10.84
CA LYS A 126 27.21 17.09 10.08
C LYS A 126 27.50 16.55 8.68
N VAL A 127 27.62 17.45 7.71
CA VAL A 127 28.16 17.12 6.40
C VAL A 127 29.55 17.75 6.30
N CYS A 128 30.57 16.93 6.10
CA CYS A 128 31.96 17.41 5.98
C CYS A 128 32.42 17.36 4.52
N LEU A 129 33.31 18.29 4.16
CA LEU A 129 33.76 18.44 2.76
C LEU A 129 34.79 17.37 2.38
N THR A 133 39.15 18.68 3.77
CA THR A 133 39.01 19.82 4.67
C THR A 133 38.47 19.39 6.03
N ALA A 134 38.84 20.13 7.08
CA ALA A 134 38.30 19.95 8.43
C ALA A 134 36.90 20.57 8.65
N THR A 135 36.43 21.41 7.72
CA THR A 135 35.21 22.17 7.91
C THR A 135 33.97 21.33 7.60
N CYS A 136 32.96 21.43 8.46
CA CYS A 136 31.70 20.69 8.33
C CYS A 136 30.50 21.60 8.50
N TRP A 137 29.41 21.26 7.84
CA TRP A 137 28.18 22.05 7.87
C TRP A 137 27.13 21.34 8.71
N SER A 138 26.40 22.10 9.53
CA SER A 138 25.27 21.62 10.29
C SER A 138 24.01 21.80 9.47
N LEU A 139 22.93 21.10 9.82
CA LEU A 139 21.66 21.25 9.09
C LEU A 139 21.17 22.69 9.15
N ASP A 140 21.10 23.21 10.36
CA ASP A 140 20.64 24.56 10.65
C ASP A 140 21.80 25.34 11.29
N PRO A 141 22.36 26.38 10.63
CA PRO A 141 21.82 27.04 9.40
C PRO A 141 22.44 26.64 8.05
N ASP A 142 23.57 25.95 8.04
CA ASP A 142 24.36 25.87 6.80
C ASP A 142 23.65 25.17 5.65
N LEU A 143 23.22 23.93 5.88
CA LEU A 143 22.53 23.14 4.86
C LEU A 143 21.17 23.73 4.47
N THR A 144 20.43 24.24 5.45
CA THR A 144 19.18 24.94 5.20
C THR A 144 19.36 26.10 4.24
N ASN A 145 20.37 26.94 4.50
CA ASN A 145 20.68 28.07 3.62
C ASN A 145 21.10 27.62 2.22
N ILE A 146 21.89 26.55 2.11
CA ILE A 146 22.24 26.04 0.78
C ILE A 146 20.97 25.61 0.03
N LEU A 147 20.13 24.80 0.67
CA LEU A 147 18.90 24.33 0.04
C LEU A 147 17.99 25.48 -0.35
N ALA A 148 17.99 26.56 0.43
CA ALA A 148 17.14 27.74 0.16
C ALA A 148 17.70 28.72 -0.91
N SER A 149 19.03 28.83 -1.04
CA SER A 149 19.64 29.90 -1.86
C SER A 149 20.56 29.47 -2.99
N SER A 150 21.22 28.32 -2.87
CA SER A 150 21.96 27.78 -4.01
C SER A 150 20.96 27.42 -5.11
N ARG A 151 21.35 27.75 -6.33
CA ARG A 151 20.70 27.32 -7.54
C ARG A 151 21.70 26.52 -8.39
N SER A 152 22.76 26.05 -7.74
CA SER A 152 23.73 25.15 -8.36
C SER A 152 23.27 23.72 -8.12
N TYR A 153 22.97 22.99 -9.19
CA TYR A 153 22.49 21.62 -9.10
C TYR A 153 23.44 20.72 -8.27
N ALA A 154 24.74 20.83 -8.54
CA ALA A 154 25.74 20.00 -7.86
C ALA A 154 25.90 20.34 -6.39
N MET A 155 25.81 21.63 -6.03
CA MET A 155 25.92 22.03 -4.65
C MET A 155 24.70 21.58 -3.83
N LEU A 156 23.52 21.83 -4.39
CA LEU A 156 22.25 21.34 -3.80
C LEU A 156 22.33 19.83 -3.58
N LEU A 157 22.85 19.12 -4.59
CA LEU A 157 22.98 17.67 -4.54
C LEU A 157 23.93 17.25 -3.42
N PHE A 158 25.06 17.94 -3.28
CA PHE A 158 26.00 17.65 -2.21
C PHE A 158 25.39 17.77 -0.82
N ALA A 159 24.65 18.86 -0.62
CA ALA A 159 23.97 19.11 0.64
C ALA A 159 22.89 18.06 0.91
N TRP A 160 22.04 17.80 -0.08
CA TRP A 160 20.92 16.83 0.06
C TRP A 160 21.44 15.43 0.33
N GLU A 161 22.38 14.96 -0.47
CA GLU A 161 22.97 13.64 -0.29
C GLU A 161 23.69 13.53 1.05
N GLY A 162 24.50 14.54 1.36
CA GLY A 162 25.28 14.55 2.58
C GLY A 162 24.41 14.44 3.82
N TRP A 163 23.36 15.26 3.86
CA TRP A 163 22.45 15.25 5.00
C TRP A 163 21.74 13.89 5.14
N HIS A 164 21.19 13.40 4.04
CA HIS A 164 20.42 12.14 4.08
C HIS A 164 21.31 10.97 4.50
N ASN A 165 22.53 10.93 3.96
CA ASN A 165 23.52 9.93 4.36
C ASN A 165 23.99 10.08 5.80
N ALA A 166 24.26 11.31 6.25
CA ALA A 166 24.80 11.54 7.60
C ALA A 166 23.80 11.21 8.71
N ALA A 167 22.55 11.64 8.51
CA ALA A 167 21.53 11.46 9.54
C ALA A 167 20.89 10.09 9.45
N GLY A 168 20.50 9.68 8.25
CA GLY A 168 19.69 8.47 8.06
C GLY A 168 20.39 7.17 8.35
N ILE A 169 21.60 7.00 7.79
CA ILE A 169 22.28 5.69 7.82
C ILE A 169 22.48 5.17 9.25
N PRO A 170 23.06 5.98 10.17
CA PRO A 170 23.24 5.48 11.54
C PRO A 170 21.93 5.33 12.34
N LEU A 171 20.88 6.03 11.93
CA LEU A 171 19.61 5.94 12.64
C LEU A 171 18.89 4.61 12.42
N LYS A 172 19.14 3.94 11.30
CA LYS A 172 18.31 2.78 10.95
C LYS A 172 18.26 1.68 12.02
N PRO A 173 19.43 1.22 12.51
CA PRO A 173 19.30 0.11 13.47
C PRO A 173 18.62 0.50 14.77
N LEU A 174 18.78 1.75 15.21
CA LEU A 174 18.08 2.23 16.40
C LEU A 174 16.58 2.33 16.17
N TYR A 175 16.19 2.84 15.00
CA TYR A 175 14.78 3.03 14.67
C TYR A 175 14.04 1.68 14.67
N GLU A 176 14.70 0.64 14.14
CA GLU A 176 14.16 -0.72 14.18
C GLU A 176 13.87 -1.18 15.60
N ASP A 177 14.84 -0.98 16.50
CA ASP A 177 14.67 -1.42 17.88
C ASP A 177 13.60 -0.61 18.59
N PHE A 178 13.60 0.69 18.35
CA PHE A 178 12.58 1.57 18.92
C PHE A 178 11.17 1.11 18.50
N THR A 179 11.01 0.80 17.23
CA THR A 179 9.68 0.41 16.69
C THR A 179 9.15 -0.84 17.39
N ALA A 180 10.03 -1.83 17.55
CA ALA A 180 9.66 -3.07 18.24
C ALA A 180 9.26 -2.84 19.70
N LEU A 181 10.05 -2.06 20.43
CA LEU A 181 9.75 -1.75 21.81
C LEU A 181 8.49 -0.91 21.98
N SER A 182 8.30 0.07 21.11
CA SER A 182 7.09 0.91 21.15
C SER A 182 5.83 0.08 20.96
N ASN A 183 5.85 -0.79 19.95
CA ASN A 183 4.75 -1.72 19.71
C ASN A 183 4.51 -2.65 20.87
N GLU A 184 5.59 -3.22 21.41
CA GLU A 184 5.49 -4.10 22.59
C GLU A 184 4.78 -3.38 23.75
N ALA A 185 5.16 -2.14 23.98
CA ALA A 185 4.57 -1.32 25.01
C ALA A 185 3.09 -1.08 24.78
N TYR A 186 2.72 -0.58 23.59
CA TYR A 186 1.33 -0.19 23.36
C TYR A 186 0.39 -1.36 23.13
N LYS A 187 0.92 -2.50 22.67
CA LYS A 187 0.14 -3.72 22.58
C LYS A 187 -0.44 -4.18 23.92
N GLN A 188 0.28 -3.92 25.02
CA GLN A 188 -0.20 -4.24 26.37
CA GLN A 188 -0.20 -4.24 26.37
C GLN A 188 -1.31 -3.29 26.83
N ASP A 189 -1.45 -2.14 26.18
CA ASP A 189 -2.63 -1.26 26.38
C ASP A 189 -3.84 -1.64 25.50
N GLY A 190 -3.75 -2.72 24.72
CA GLY A 190 -4.84 -3.19 23.85
C GLY A 190 -4.86 -2.63 22.41
N PHE A 191 -3.84 -1.87 22.02
CA PHE A 191 -3.72 -1.39 20.64
C PHE A 191 -3.01 -2.42 19.79
N THR A 192 -3.42 -2.57 18.54
CA THR A 192 -2.74 -3.49 17.60
C THR A 192 -1.28 -3.08 17.39
N ASP A 193 -1.02 -1.78 17.41
CA ASP A 193 0.33 -1.23 17.26
C ASP A 193 0.34 0.25 17.62
N THR A 194 1.54 0.83 17.68
CA THR A 194 1.69 2.22 18.12
C THR A 194 0.92 3.21 17.24
N GLY A 195 0.92 2.97 15.93
CA GLY A 195 0.19 3.81 14.98
C GLY A 195 -1.30 3.85 15.30
N ALA A 196 -1.85 2.71 15.72
CA ALA A 196 -3.26 2.67 16.09
C ALA A 196 -3.52 3.54 17.32
N TYR A 197 -2.58 3.53 18.26
CA TYR A 197 -2.68 4.42 19.41
C TYR A 197 -2.62 5.89 18.98
N TRP A 198 -1.66 6.26 18.13
CA TRP A 198 -1.55 7.63 17.62
C TRP A 198 -2.82 8.13 16.90
N ARG A 199 -3.42 7.28 16.06
CA ARG A 199 -4.65 7.66 15.35
C ARG A 199 -5.83 7.79 16.32
N SER A 200 -5.80 7.06 17.44
CA SER A 200 -6.90 7.08 18.43
C SER A 200 -7.14 8.45 19.04
N TRP A 201 -6.12 9.31 19.03
CA TRP A 201 -6.28 10.65 19.56
C TRP A 201 -7.35 11.50 18.83
N TYR A 202 -7.72 11.14 17.61
CA TYR A 202 -8.70 11.91 16.86
C TYR A 202 -10.12 11.41 17.07
N ASN A 203 -10.25 10.31 17.83
CA ASN A 203 -11.55 9.78 18.22
C ASN A 203 -12.54 9.86 17.08
N SER A 204 -12.18 9.16 16.00
CA SER A 204 -12.91 9.17 14.77
C SER A 204 -12.76 7.80 14.13
N PRO A 205 -13.84 6.98 14.14
CA PRO A 205 -13.69 5.62 13.58
C PRO A 205 -13.43 5.60 12.06
N THR A 206 -13.72 6.71 11.38
CA THR A 206 -13.48 6.81 9.94
C THR A 206 -12.30 7.75 9.59
N PHE A 207 -11.34 7.88 10.51
CA PHE A 207 -10.25 8.86 10.37
C PHE A 207 -9.52 8.68 9.06
N GLU A 208 -9.02 7.50 8.78
CA GLU A 208 -8.19 7.27 7.58
C GLU A 208 -8.97 7.54 6.28
N ASP A 209 -10.23 7.08 6.23
CA ASP A 209 -11.09 7.38 5.08
C ASP A 209 -11.39 8.89 4.97
N ASP A 210 -11.66 9.55 6.09
CA ASP A 210 -11.90 10.98 6.07
C ASP A 210 -10.69 11.75 5.52
N LEU A 211 -9.50 11.36 5.96
CA LEU A 211 -8.26 11.98 5.45
C LEU A 211 -8.10 11.76 3.96
N GLU A 212 -8.37 10.54 3.52
CA GLU A 212 -8.24 10.19 2.12
C GLU A 212 -9.21 10.98 1.25
N HIS A 213 -10.45 11.16 1.73
CA HIS A 213 -11.46 11.99 1.05
C HIS A 213 -11.06 13.47 0.94
N LEU A 214 -10.43 14.01 2.00
CA LEU A 214 -9.84 15.36 1.95
C LEU A 214 -8.74 15.42 0.93
N TYR A 215 -7.82 14.46 0.96
CA TYR A 215 -6.75 14.50 -0.01
C TYR A 215 -7.24 14.43 -1.49
N GLN A 216 -8.22 13.57 -1.79
CA GLN A 216 -8.83 13.55 -3.14
C GLN A 216 -9.28 14.94 -3.62
N GLN A 217 -9.84 15.76 -2.74
CA GLN A 217 -10.27 17.10 -3.14
C GLN A 217 -9.11 18.04 -3.37
N LEU A 218 -8.01 17.83 -2.65
CA LEU A 218 -6.85 18.74 -2.70
C LEU A 218 -5.83 18.39 -3.75
N GLU A 219 -5.76 17.11 -4.14
CA GLU A 219 -4.72 16.64 -5.07
C GLU A 219 -4.63 17.41 -6.41
N PRO A 220 -5.78 17.72 -7.05
CA PRO A 220 -5.70 18.51 -8.28
C PRO A 220 -4.97 19.84 -8.13
N LEU A 221 -5.17 20.52 -7.00
CA LEU A 221 -4.45 21.78 -6.74
C LEU A 221 -2.97 21.50 -6.71
N TYR A 222 -2.58 20.42 -6.02
CA TYR A 222 -1.16 20.06 -5.96
C TYR A 222 -0.58 19.68 -7.33
N LEU A 223 -1.32 18.91 -8.12
CA LEU A 223 -0.79 18.47 -9.42
C LEU A 223 -0.53 19.65 -10.33
N ASN A 224 -1.42 20.64 -10.27
CA ASN A 224 -1.26 21.85 -11.07
C ASN A 224 -0.12 22.73 -10.61
N LEU A 225 0.01 22.88 -9.29
CA LEU A 225 1.16 23.61 -8.76
C LEU A 225 2.46 22.94 -9.16
N HIS A 226 2.50 21.62 -8.97
CA HIS A 226 3.65 20.80 -9.32
C HIS A 226 4.09 20.99 -10.77
N ALA A 227 3.13 20.91 -11.68
CA ALA A 227 3.43 21.03 -13.12
C ALA A 227 3.98 22.41 -13.50
N PHE A 228 3.38 23.46 -12.94
CA PHE A 228 3.81 24.84 -13.14
C PHE A 228 5.21 25.05 -12.60
N VAL A 229 5.48 24.54 -11.40
CA VAL A 229 6.80 24.67 -10.80
C VAL A 229 7.84 23.87 -11.56
N ARG A 230 7.49 22.66 -11.98
CA ARG A 230 8.38 21.83 -12.77
C ARG A 230 8.85 22.54 -14.07
N ARG A 231 7.91 23.20 -14.74
CA ARG A 231 8.21 24.03 -15.92
C ARG A 231 9.19 25.16 -15.56
N ALA A 232 8.93 25.87 -14.45
CA ALA A 232 9.83 26.93 -13.98
C ALA A 232 11.23 26.40 -13.72
N LEU A 233 11.34 25.23 -13.12
CA LEU A 233 12.64 24.59 -12.89
C LEU A 233 13.33 24.14 -14.17
N HIS A 234 12.54 23.63 -15.12
CA HIS A 234 13.05 23.17 -16.41
C HIS A 234 13.71 24.37 -17.13
N ARG A 235 13.04 25.52 -17.10
CA ARG A 235 13.58 26.78 -17.70
C ARG A 235 14.93 27.22 -17.12
N ARG A 236 15.26 26.81 -15.89
CA ARG A 236 16.59 27.12 -15.30
C ARG A 236 17.58 25.99 -15.48
N TYR A 237 17.19 24.78 -15.06
CA TYR A 237 18.13 23.65 -14.99
C TYR A 237 18.30 22.87 -16.29
N GLY A 238 17.31 22.96 -17.17
CA GLY A 238 17.38 22.36 -18.49
C GLY A 238 16.88 20.94 -18.53
N ASP A 239 16.86 20.39 -19.74
CA ASP A 239 16.26 19.09 -20.02
C ASP A 239 17.02 17.88 -19.43
N ARG A 240 18.30 18.06 -19.12
CA ARG A 240 19.10 16.99 -18.54
C ARG A 240 18.68 16.67 -17.10
N TYR A 241 18.38 17.71 -16.32
CA TYR A 241 18.06 17.54 -14.90
C TYR A 241 16.58 17.67 -14.53
N ILE A 242 15.74 18.19 -15.44
CA ILE A 242 14.29 18.22 -15.24
C ILE A 242 13.59 17.50 -16.39
N ASN A 243 12.78 16.51 -16.03
CA ASN A 243 11.92 15.78 -16.96
C ASN A 243 10.49 16.31 -16.84
N LEU A 244 10.01 16.95 -17.90
CA LEU A 244 8.67 17.52 -17.91
C LEU A 244 7.53 16.52 -17.78
N ARG A 245 7.82 15.23 -17.93
CA ARG A 245 6.84 14.18 -17.71
C ARG A 245 7.21 13.24 -16.57
N GLY A 246 8.16 13.66 -15.74
CA GLY A 246 8.73 12.84 -14.67
C GLY A 246 8.72 13.53 -13.31
N PRO A 247 9.15 12.81 -12.25
CA PRO A 247 9.20 13.42 -10.94
C PRO A 247 10.30 14.48 -10.85
N ILE A 248 10.09 15.48 -9.99
CA ILE A 248 11.06 16.56 -9.79
C ILE A 248 12.16 16.04 -8.87
N PRO A 249 13.45 16.26 -9.22
CA PRO A 249 14.51 15.90 -8.29
C PRO A 249 14.29 16.55 -6.90
N ALA A 250 14.46 15.76 -5.84
CA ALA A 250 13.94 16.13 -4.50
C ALA A 250 14.72 17.25 -3.80
N HIS A 251 15.83 17.68 -4.41
CA HIS A 251 16.70 18.70 -3.87
C HIS A 251 16.52 20.11 -4.47
N LEU A 252 15.58 20.29 -5.40
CA LEU A 252 15.50 21.53 -6.16
C LEU A 252 14.36 22.45 -5.77
N LEU A 253 13.71 22.19 -4.63
CA LEU A 253 12.46 22.85 -4.30
C LEU A 253 12.56 23.82 -3.14
N GLY A 254 13.79 24.10 -2.69
CA GLY A 254 14.07 25.14 -1.70
C GLY A 254 14.28 24.68 -0.27
N ASP A 255 14.09 23.39 -0.04
CA ASP A 255 13.86 22.85 1.27
C ASP A 255 14.44 21.42 1.31
N MET A 256 15.08 21.04 2.41
CA MET A 256 15.74 19.71 2.51
C MET A 256 14.78 18.55 2.25
N TRP A 257 13.51 18.74 2.60
CA TRP A 257 12.46 17.70 2.45
C TRP A 257 11.50 17.94 1.30
N ALA A 258 11.76 18.97 0.50
CA ALA A 258 10.83 19.45 -0.55
C ALA A 258 9.42 19.61 0.01
N GLN A 259 9.32 20.03 1.27
CA GLN A 259 8.01 20.07 1.95
C GLN A 259 7.29 21.41 1.84
N SER A 260 8.06 22.47 1.61
CA SER A 260 7.54 23.83 1.47
C SER A 260 8.37 24.43 0.37
N TRP A 261 7.73 25.05 -0.62
CA TRP A 261 8.46 25.52 -1.79
C TRP A 261 8.67 27.04 -1.86
N GLU A 262 8.42 27.74 -0.77
CA GLU A 262 8.48 29.20 -0.79
C GLU A 262 9.84 29.81 -1.22
N ASN A 263 10.95 29.09 -1.02
CA ASN A 263 12.29 29.62 -1.39
C ASN A 263 12.57 29.72 -2.87
N ILE A 264 11.78 29.03 -3.70
CA ILE A 264 11.94 29.17 -5.14
C ILE A 264 10.90 30.13 -5.71
N TYR A 265 10.26 30.91 -4.84
CA TYR A 265 9.29 31.92 -5.28
C TYR A 265 9.80 32.83 -6.40
N ASP A 266 11.07 33.23 -6.34
CA ASP A 266 11.58 34.14 -7.37
C ASP A 266 11.61 33.50 -8.76
N MET A 267 11.75 32.16 -8.84
CA MET A 267 11.72 31.48 -10.14
C MET A 267 10.34 31.25 -10.70
N VAL A 268 9.33 31.29 -9.83
CA VAL A 268 7.97 30.93 -10.23
C VAL A 268 6.96 32.09 -10.23
N VAL A 269 7.31 33.19 -9.56
CA VAL A 269 6.43 34.36 -9.46
C VAL A 269 5.86 34.76 -10.85
N PRO A 270 4.52 34.71 -11.01
CA PRO A 270 3.86 34.98 -12.28
C PRO A 270 4.12 36.37 -12.88
N PHE A 271 4.07 37.41 -12.04
CA PHE A 271 4.21 38.79 -12.48
C PHE A 271 5.32 39.50 -11.69
N PRO A 272 6.60 39.27 -12.10
CA PRO A 272 7.78 39.83 -11.42
C PRO A 272 7.82 41.36 -11.26
N ASP A 273 7.11 42.09 -12.10
CA ASP A 273 7.14 43.56 -12.07
C ASP A 273 6.23 44.18 -10.98
N LYS A 274 5.43 43.36 -10.31
CA LYS A 274 4.60 43.81 -9.19
C LYS A 274 5.45 43.83 -7.91
N PRO A 275 4.90 44.34 -6.79
CA PRO A 275 5.70 44.40 -5.55
C PRO A 275 6.23 43.02 -5.13
N ASN A 276 7.47 42.98 -4.65
CA ASN A 276 8.08 41.74 -4.23
C ASN A 276 7.48 41.32 -2.88
N LEU A 277 6.72 40.23 -2.89
CA LEU A 277 5.92 39.79 -1.73
C LEU A 277 6.69 38.98 -0.72
N ASP A 278 7.91 38.58 -1.09
CA ASP A 278 8.84 37.98 -0.19
C ASP A 278 9.68 39.09 0.42
N VAL A 279 9.36 39.41 1.67
CA VAL A 279 9.97 40.53 2.36
C VAL A 279 11.30 40.19 3.05
N THR A 280 11.84 38.97 2.81
CA THR A 280 13.11 38.57 3.39
C THR A 280 14.20 39.62 3.16
N SER A 281 14.35 40.10 1.93
CA SER A 281 15.45 41.05 1.63
C SER A 281 15.23 42.37 2.35
N THR A 282 13.98 42.79 2.50
CA THR A 282 13.64 43.98 3.29
C THR A 282 13.90 43.80 4.79
N MET A 283 13.62 42.62 5.35
CA MET A 283 13.97 42.34 6.75
C MET A 283 15.48 42.46 6.98
N LEU A 284 16.26 41.92 6.04
CA LEU A 284 17.73 42.00 6.12
C LEU A 284 18.20 43.46 5.97
N GLN A 285 17.66 44.16 4.96
CA GLN A 285 18.01 45.58 4.74
C GLN A 285 17.67 46.42 5.97
N GLN A 286 16.51 46.17 6.60
CA GLN A 286 16.12 46.87 7.84
C GLN A 286 16.81 46.41 9.12
N GLY A 287 17.59 45.33 9.07
CA GLY A 287 18.30 44.85 10.28
C GLY A 287 17.45 44.21 11.37
N TRP A 288 16.40 43.49 10.97
CA TRP A 288 15.61 42.70 11.90
C TRP A 288 16.49 41.60 12.45
N GLN A 289 16.24 41.26 13.71
CA GLN A 289 16.87 40.16 14.44
C GLN A 289 15.77 39.32 15.08
N ALA A 290 16.14 38.19 15.67
CA ALA A 290 15.17 37.29 16.32
C ALA A 290 14.26 38.02 17.30
N THR A 291 14.87 38.83 18.17
CA THR A 291 14.15 39.67 19.14
C THR A 291 12.98 40.43 18.53
N HIS A 292 13.22 41.10 17.41
CA HIS A 292 12.18 41.90 16.76
C HIS A 292 11.06 40.98 16.28
N MET A 293 11.46 39.87 15.69
CA MET A 293 10.50 38.91 15.14
C MET A 293 9.55 38.41 16.22
N PHE A 294 10.09 38.06 17.41
CA PHE A 294 9.25 37.54 18.51
C PHE A 294 8.35 38.63 19.10
N ARG A 295 8.85 39.85 19.16
CA ARG A 295 8.05 40.97 19.66
C ARG A 295 6.94 41.35 18.70
N VAL A 296 7.21 41.26 17.41
CA VAL A 296 6.21 41.61 16.40
C VAL A 296 5.09 40.55 16.44
N ALA A 297 5.48 39.27 16.55
CA ALA A 297 4.53 38.18 16.70
C ALA A 297 3.69 38.35 17.95
N GLU A 298 4.34 38.62 19.09
CA GLU A 298 3.63 38.91 20.34
C GLU A 298 2.58 39.99 20.20
N GLU A 299 2.96 41.08 19.54
CA GLU A 299 2.07 42.22 19.44
C GLU A 299 0.83 41.88 18.60
N PHE A 300 0.95 40.96 17.63
CA PHE A 300 -0.25 40.44 16.96
C PHE A 300 -1.21 39.77 17.95
N PHE A 301 -0.69 38.89 18.80
CA PHE A 301 -1.51 38.25 19.83
C PHE A 301 -2.17 39.26 20.78
N THR A 302 -1.43 40.26 21.26
CA THR A 302 -2.02 41.26 22.15
C THR A 302 -3.02 42.16 21.41
N SER A 303 -2.86 42.34 20.10
CA SER A 303 -3.85 43.11 19.31
C SER A 303 -5.24 42.47 19.36
N LEU A 304 -5.26 41.15 19.53
CA LEU A 304 -6.49 40.38 19.63
C LEU A 304 -7.02 40.25 21.08
N GLU A 305 -6.39 40.97 22.01
CA GLU A 305 -6.56 40.78 23.44
C GLU A 305 -6.31 39.34 23.94
N LEU A 306 -5.36 38.66 23.29
CA LEU A 306 -4.79 37.46 23.86
C LEU A 306 -3.56 37.87 24.69
N SER A 307 -2.93 36.91 25.36
CA SER A 307 -1.92 37.21 26.36
C SER A 307 -0.58 37.52 25.75
N PRO A 308 0.15 38.51 26.32
CA PRO A 308 1.56 38.65 25.98
C PRO A 308 2.38 37.48 26.47
N MET A 309 3.62 37.40 26.04
CA MET A 309 4.52 36.38 26.58
C MET A 309 4.98 36.85 27.96
N PRO A 310 4.92 35.96 28.98
CA PRO A 310 5.30 36.38 30.33
C PRO A 310 6.82 36.56 30.48
N PRO A 311 7.28 37.24 31.56
CA PRO A 311 8.72 37.41 31.77
C PRO A 311 9.52 36.12 31.72
N GLU A 312 8.97 35.07 32.31
CA GLU A 312 9.59 33.74 32.30
C GLU A 312 9.92 33.23 30.89
N PHE A 313 9.05 33.54 29.92
CA PHE A 313 9.31 33.19 28.50
C PHE A 313 10.53 33.91 27.97
N TRP A 314 10.59 35.21 28.22
CA TRP A 314 11.72 36.02 27.72
C TRP A 314 13.02 35.65 28.43
N GLU A 315 12.95 35.39 29.72
CA GLU A 315 14.18 35.03 30.47
C GLU A 315 14.68 33.62 30.16
N GLY A 316 13.76 32.70 29.87
CA GLY A 316 14.09 31.28 29.69
C GLY A 316 14.35 30.80 28.29
N SER A 317 13.73 31.46 27.29
CA SER A 317 13.73 30.95 25.92
C SER A 317 15.10 30.97 25.25
N MET A 318 15.31 30.05 24.31
CA MET A 318 16.49 30.08 23.45
C MET A 318 16.02 30.52 22.06
N LEU A 319 16.28 31.78 21.71
CA LEU A 319 15.74 32.39 20.47
C LEU A 319 16.73 32.48 19.33
N GLU A 320 18.00 32.17 19.58
CA GLU A 320 19.03 32.10 18.53
C GLU A 320 19.86 30.84 18.79
N LYS A 321 20.50 30.31 17.76
CA LYS A 321 21.48 29.24 17.97
C LYS A 321 22.65 29.80 18.81
N PRO A 322 23.04 29.10 19.90
CA PRO A 322 24.20 29.55 20.70
C PRO A 322 25.48 29.73 19.89
N ALA A 323 26.13 30.87 20.10
CA ALA A 323 27.40 31.22 19.45
C ALA A 323 28.61 30.68 20.21
N ASP A 324 28.38 30.12 21.41
CA ASP A 324 29.43 29.39 22.15
C ASP A 324 29.74 27.99 21.62
N GLY A 325 29.22 27.63 20.44
CA GLY A 325 29.52 26.35 19.81
C GLY A 325 28.79 25.10 20.30
N ARG A 326 28.05 25.21 21.42
CA ARG A 326 27.21 24.13 21.97
C ARG A 326 26.44 23.36 20.90
N GLU A 327 26.25 22.08 21.11
CA GLU A 327 25.31 21.29 20.33
C GLU A 327 23.92 21.52 20.94
N VAL A 328 22.95 21.89 20.10
CA VAL A 328 21.56 22.03 20.52
C VAL A 328 20.65 21.37 19.49
N VAL A 329 19.41 21.08 19.90
CA VAL A 329 18.36 20.69 18.98
C VAL A 329 17.81 22.00 18.36
N CYS A 330 18.13 22.23 17.09
CA CYS A 330 17.70 23.48 16.42
C CYS A 330 16.25 23.47 15.94
N HIS A 331 15.65 22.30 15.81
CA HIS A 331 14.27 22.21 15.33
C HIS A 331 13.38 23.02 16.27
N ALA A 332 12.68 23.99 15.70
CA ALA A 332 11.88 24.94 16.47
C ALA A 332 10.83 24.20 17.29
N SER A 333 10.72 24.55 18.57
CA SER A 333 9.70 23.93 19.43
C SER A 333 9.22 24.85 20.54
N ALA A 334 8.05 24.52 21.07
CA ALA A 334 7.37 25.31 22.12
C ALA A 334 7.10 24.42 23.33
N TRP A 335 7.44 24.94 24.50
CA TRP A 335 7.57 24.12 25.72
C TRP A 335 6.62 24.55 26.80
N ASP A 336 5.83 23.60 27.30
CA ASP A 336 5.01 23.77 28.49
C ASP A 336 5.74 22.99 29.59
N PHE A 337 6.14 23.68 30.66
CA PHE A 337 6.81 23.03 31.80
C PHE A 337 5.84 22.47 32.83
N TYR A 338 4.53 22.62 32.59
CA TYR A 338 3.48 22.07 33.45
C TYR A 338 3.46 22.57 34.90
N ASN A 339 4.06 23.75 35.13
CA ASN A 339 3.99 24.43 36.44
C ASN A 339 3.21 25.74 36.35
N ARG A 340 2.54 25.98 35.22
CA ARG A 340 1.71 27.18 35.01
C ARG A 340 2.44 28.54 35.00
N LYS A 341 3.76 28.53 34.93
CA LYS A 341 4.61 29.73 34.98
C LYS A 341 5.64 29.75 33.89
N ASP A 342 6.31 28.61 33.66
CA ASP A 342 7.38 28.52 32.70
C ASP A 342 6.87 27.99 31.36
N PHE A 343 7.11 28.78 30.32
CA PHE A 343 6.73 28.45 28.95
C PHE A 343 7.84 29.02 28.09
N ARG A 344 8.40 28.23 27.19
CA ARG A 344 9.53 28.70 26.40
C ARG A 344 9.49 28.21 24.97
N ILE A 345 10.15 28.97 24.10
CA ILE A 345 10.44 28.53 22.74
C ILE A 345 11.94 28.29 22.63
N LYS A 346 12.27 27.27 21.85
CA LYS A 346 13.64 26.95 21.52
C LYS A 346 13.70 26.90 20.01
N GLN A 347 14.27 27.94 19.40
CA GLN A 347 14.35 28.07 17.95
C GLN A 347 15.68 28.68 17.55
N CYS A 348 16.35 28.08 16.57
CA CYS A 348 17.56 28.65 16.01
C CYS A 348 17.19 29.64 14.93
N THR A 349 16.60 30.75 15.37
CA THR A 349 15.93 31.67 14.48
C THR A 349 16.87 32.32 13.48
N ARG A 350 16.44 32.36 12.22
CA ARG A 350 17.13 33.07 11.16
C ARG A 350 16.20 34.15 10.63
N VAL A 351 16.78 35.16 9.98
CA VAL A 351 16.02 36.36 9.60
C VAL A 351 15.51 36.19 8.19
N THR A 352 14.33 35.56 8.08
CA THR A 352 13.64 35.37 6.83
C THR A 352 12.15 35.46 7.09
N MET A 353 11.41 35.71 6.01
CA MET A 353 9.94 35.76 6.08
C MET A 353 9.33 34.44 6.58
N ASP A 354 9.84 33.31 6.12
CA ASP A 354 9.28 32.01 6.56
CA ASP A 354 9.29 32.02 6.57
C ASP A 354 9.60 31.75 8.04
N GLN A 355 10.75 32.24 8.51
CA GLN A 355 11.06 32.14 9.94
C GLN A 355 10.13 33.01 10.77
N LEU A 356 9.70 34.13 10.21
CA LEU A 356 8.73 34.99 10.90
C LEU A 356 7.41 34.22 11.02
N SER A 357 7.02 33.51 9.97
CA SER A 357 5.86 32.59 10.04
C SER A 357 6.07 31.51 11.11
N THR A 358 7.25 30.88 11.12
CA THR A 358 7.58 29.87 12.14
C THR A 358 7.54 30.42 13.55
N VAL A 359 7.97 31.65 13.76
CA VAL A 359 7.86 32.28 15.09
C VAL A 359 6.40 32.33 15.52
N HIS A 360 5.53 32.70 14.58
CA HIS A 360 4.08 32.75 14.87
C HIS A 360 3.50 31.38 15.22
N HIS A 361 3.93 30.38 14.43
CA HIS A 361 3.58 29.00 14.67
C HIS A 361 3.91 28.55 16.11
N GLU A 362 5.14 28.77 16.53
CA GLU A 362 5.59 28.39 17.86
C GLU A 362 4.90 29.21 18.93
N MET A 363 4.72 30.51 18.67
CA MET A 363 3.98 31.36 19.60
C MET A 363 2.50 30.98 19.74
N GLY A 364 1.91 30.38 18.70
CA GLY A 364 0.57 29.80 18.83
C GLY A 364 0.48 28.67 19.86
N HIS A 365 1.48 27.79 19.81
CA HIS A 365 1.62 26.73 20.82
C HIS A 365 1.67 27.33 22.24
N ILE A 366 2.51 28.36 22.41
CA ILE A 366 2.64 29.01 23.70
C ILE A 366 1.33 29.63 24.14
N GLN A 367 0.63 30.32 23.24
CA GLN A 367 -0.64 30.94 23.61
C GLN A 367 -1.63 29.89 24.08
N TYR A 368 -1.68 28.74 23.41
CA TYR A 368 -2.55 27.63 23.82
C TYR A 368 -2.21 27.29 25.31
N TYR A 369 -0.91 27.14 25.59
CA TYR A 369 -0.42 26.83 26.97
C TYR A 369 -0.88 27.86 27.99
N LEU A 370 -0.77 29.14 27.65
CA LEU A 370 -1.14 30.23 28.55
C LEU A 370 -2.63 30.24 28.86
N GLN A 371 -3.44 29.89 27.87
CA GLN A 371 -4.90 29.96 28.00
C GLN A 371 -5.49 28.76 28.72
N TYR A 372 -4.88 27.59 28.59
CA TYR A 372 -5.37 26.39 29.29
C TYR A 372 -4.59 25.97 30.56
N LYS A 373 -3.75 26.87 31.07
CA LYS A 373 -2.84 26.53 32.17
C LYS A 373 -3.50 26.13 33.49
N ASP A 374 -4.74 26.56 33.70
CA ASP A 374 -5.45 26.26 34.96
C ASP A 374 -6.44 25.07 34.90
N LEU A 375 -6.45 24.38 33.77
CA LEU A 375 -7.16 23.10 33.66
C LEU A 375 -6.31 21.99 34.26
N PRO A 376 -6.95 20.87 34.62
CA PRO A 376 -6.23 19.65 34.99
C PRO A 376 -5.18 19.28 33.97
N VAL A 377 -4.02 18.88 34.44
CA VAL A 377 -2.87 18.60 33.60
C VAL A 377 -3.09 17.58 32.43
N SER A 378 -4.05 16.66 32.57
CA SER A 378 -4.35 15.70 31.49
C SER A 378 -5.11 16.36 30.34
N LEU A 379 -5.82 17.45 30.66
CA LEU A 379 -6.56 18.28 29.70
C LEU A 379 -5.82 19.52 29.12
N ARG A 380 -4.53 19.62 29.41
CA ARG A 380 -3.66 20.67 28.85
C ARG A 380 -3.07 20.12 27.56
N ARG A 381 -3.96 19.98 26.57
CA ARG A 381 -3.62 19.50 25.24
C ARG A 381 -4.54 20.28 24.30
N GLY A 382 -4.27 20.19 23.00
CA GLY A 382 -5.17 20.79 22.02
C GLY A 382 -6.44 19.95 21.96
N ALA A 383 -7.53 20.49 21.42
CA ALA A 383 -8.73 19.68 21.22
C ALA A 383 -8.39 18.41 20.44
N ASN A 384 -7.54 18.56 19.44
CA ASN A 384 -6.74 17.45 18.94
C ASN A 384 -5.35 17.99 18.58
N PRO A 385 -4.39 17.12 18.25
CA PRO A 385 -3.05 17.69 17.95
C PRO A 385 -3.00 18.68 16.76
N GLY A 386 -3.91 18.53 15.80
CA GLY A 386 -3.96 19.43 14.66
C GLY A 386 -4.37 20.85 15.06
N PHE A 387 -5.25 20.98 16.06
CA PHE A 387 -5.64 22.30 16.60
C PHE A 387 -4.42 23.02 17.09
N HIS A 388 -3.56 22.31 17.83
CA HIS A 388 -2.37 22.92 18.39
C HIS A 388 -1.45 23.45 17.32
N GLU A 389 -1.25 22.66 16.26
CA GLU A 389 -0.45 23.09 15.13
C GLU A 389 -1.07 24.24 14.30
N ALA A 390 -2.40 24.42 14.37
CA ALA A 390 -3.07 25.41 13.52
C ALA A 390 -3.06 26.85 14.06
N ILE A 391 -2.93 27.01 15.37
CA ILE A 391 -3.24 28.30 16.01
C ILE A 391 -2.33 29.40 15.45
N GLY A 392 -1.02 29.17 15.49
CA GLY A 392 -0.05 30.16 15.02
C GLY A 392 -0.11 30.42 13.52
N ASP A 393 -0.30 29.34 12.75
CA ASP A 393 -0.44 29.43 11.31
C ASP A 393 -1.63 30.33 10.92
N VAL A 394 -2.71 30.29 11.71
CA VAL A 394 -3.87 31.15 11.46
C VAL A 394 -3.48 32.63 11.54
N LEU A 395 -2.80 33.02 12.59
CA LEU A 395 -2.33 34.40 12.68
C LEU A 395 -1.36 34.74 11.56
N ALA A 396 -0.48 33.80 11.21
CA ALA A 396 0.50 34.03 10.16
C ALA A 396 -0.17 34.25 8.81
N LEU A 397 -1.36 33.67 8.60
CA LEU A 397 -2.13 33.94 7.37
C LEU A 397 -2.48 35.41 7.22
N SER A 398 -2.95 36.03 8.29
CA SER A 398 -3.18 37.49 8.29
C SER A 398 -1.87 38.29 8.12
N VAL A 399 -0.83 37.89 8.84
CA VAL A 399 0.45 38.62 8.84
C VAL A 399 1.07 38.71 7.43
N SER A 400 0.96 37.62 6.68
CA SER A 400 1.57 37.53 5.37
C SER A 400 0.84 38.34 4.27
N THR A 401 -0.39 38.81 4.53
CA THR A 401 -1.10 39.60 3.53
C THR A 401 -0.32 40.88 3.18
N PRO A 402 -0.27 41.27 1.89
CA PRO A 402 0.43 42.53 1.58
C PRO A 402 -0.10 43.74 2.37
N GLU A 403 -1.39 43.79 2.68
CA GLU A 403 -1.91 44.88 3.49
C GLU A 403 -1.29 44.86 4.89
N HIS A 404 -1.18 43.69 5.50
CA HIS A 404 -0.58 43.64 6.82
C HIS A 404 0.93 43.95 6.80
N LEU A 405 1.63 43.37 5.84
CA LEU A 405 3.05 43.65 5.68
C LEU A 405 3.31 45.17 5.52
N HIS A 406 2.43 45.86 4.79
CA HIS A 406 2.50 47.33 4.71
C HIS A 406 2.37 48.00 6.07
N LYS A 407 1.38 47.57 6.86
CA LYS A 407 1.17 48.12 8.21
C LYS A 407 2.42 48.03 9.11
N ILE A 408 3.20 46.97 8.96
CA ILE A 408 4.39 46.75 9.79
C ILE A 408 5.71 47.12 9.11
N GLY A 409 5.65 47.88 8.00
CA GLY A 409 6.83 48.49 7.42
C GLY A 409 7.67 47.58 6.52
N LEU A 410 7.09 46.44 6.10
CA LEU A 410 7.82 45.45 5.32
C LEU A 410 7.50 45.47 3.82
N LEU A 411 6.56 46.30 3.42
CA LEU A 411 6.16 46.37 2.02
C LEU A 411 5.67 47.77 1.76
N ASP A 412 6.44 48.53 0.99
CA ASP A 412 6.19 49.96 0.82
C ASP A 412 4.97 50.16 -0.09
N ARG A 413 5.04 49.60 -1.29
CA ARG A 413 3.93 49.66 -2.25
C ARG A 413 2.69 48.93 -1.75
N VAL A 414 1.54 49.57 -2.01
CA VAL A 414 0.21 49.01 -1.87
C VAL A 414 -0.28 48.73 -3.30
N THR A 415 -0.93 47.59 -3.53
CA THR A 415 -1.57 47.28 -4.83
C THR A 415 -2.79 46.36 -4.63
N ASN A 416 -3.88 46.56 -5.40
CA ASN A 416 -5.03 45.63 -5.37
C ASN A 416 -5.53 45.27 -6.76
N ASP A 417 -4.72 44.48 -7.48
CA ASP A 417 -5.04 44.11 -8.84
C ASP A 417 -4.98 42.61 -8.99
N THR A 418 -5.50 42.08 -10.09
CA THR A 418 -5.59 40.63 -10.28
C THR A 418 -4.20 40.00 -10.36
N GLU A 419 -3.22 40.71 -10.91
CA GLU A 419 -1.85 40.16 -11.01
C GLU A 419 -1.20 39.97 -9.65
N SER A 420 -1.40 40.97 -8.80
CA SER A 420 -0.87 40.98 -7.45
C SER A 420 -1.52 39.89 -6.60
N ASP A 421 -2.81 39.66 -6.80
CA ASP A 421 -3.53 38.58 -6.11
C ASP A 421 -2.99 37.22 -6.50
N ILE A 422 -2.76 37.03 -7.80
CA ILE A 422 -2.17 35.78 -8.32
C ILE A 422 -0.77 35.55 -7.70
N ASN A 423 0.07 36.59 -7.67
CA ASN A 423 1.39 36.50 -7.06
C ASN A 423 1.31 36.05 -5.60
N TYR A 424 0.45 36.71 -4.81
CA TYR A 424 0.28 36.33 -3.43
C TYR A 424 -0.22 34.90 -3.26
N LEU A 425 -1.27 34.55 -3.98
CA LEU A 425 -1.88 33.24 -3.84
C LEU A 425 -0.91 32.14 -4.31
N LEU A 426 -0.07 32.45 -5.31
CA LEU A 426 0.96 31.50 -5.71
C LEU A 426 1.98 31.32 -4.61
N LYS A 427 2.44 32.43 -4.03
CA LYS A 427 3.37 32.37 -2.93
C LYS A 427 2.81 31.52 -1.76
N MET A 428 1.55 31.76 -1.39
CA MET A 428 0.88 30.94 -0.38
C MET A 428 0.71 29.48 -0.78
N ALA A 429 0.41 29.20 -2.06
CA ALA A 429 0.31 27.81 -2.55
C ALA A 429 1.65 27.07 -2.40
N LEU A 430 2.77 27.76 -2.67
CA LEU A 430 4.10 27.13 -2.51
C LEU A 430 4.35 26.69 -1.05
N GLU A 431 3.78 27.41 -0.10
CA GLU A 431 3.90 27.11 1.30
C GLU A 431 2.85 26.10 1.75
N LYS A 432 1.57 26.33 1.40
CA LYS A 432 0.49 25.56 1.96
C LYS A 432 0.05 24.37 1.11
N ILE A 433 -0.06 24.53 -0.20
CA ILE A 433 -0.49 23.45 -1.10
C ILE A 433 0.64 22.45 -1.32
N ALA A 434 1.86 22.93 -1.51
CA ALA A 434 3.01 22.04 -1.74
C ALA A 434 3.25 21.06 -0.58
N PHE A 435 2.92 21.49 0.63
CA PHE A 435 3.11 20.70 1.84
C PHE A 435 2.12 19.54 1.96
N LEU A 436 0.91 19.71 1.44
CA LEU A 436 -0.17 18.75 1.65
C LEU A 436 0.21 17.27 1.43
N PRO A 437 0.83 16.95 0.28
CA PRO A 437 1.24 15.56 0.04
C PRO A 437 2.22 15.06 1.10
N PHE A 438 3.17 15.89 1.50
CA PHE A 438 4.14 15.49 2.51
C PHE A 438 3.48 15.35 3.88
N GLY A 439 2.67 16.33 4.28
CA GLY A 439 1.91 16.21 5.51
C GLY A 439 1.10 14.93 5.62
N TYR A 440 0.57 14.47 4.48
CA TYR A 440 -0.25 13.27 4.43
C TYR A 440 0.61 11.99 4.45
N LEU A 441 1.70 11.96 3.70
CA LEU A 441 2.43 10.72 3.49
C LEU A 441 3.29 10.25 4.67
N VAL A 442 3.82 11.17 5.47
CA VAL A 442 4.82 10.79 6.48
C VAL A 442 4.30 9.72 7.45
N ASP A 443 3.08 9.92 7.98
CA ASP A 443 2.50 8.91 8.85
C ASP A 443 1.87 7.75 8.12
N GLN A 444 1.56 7.88 6.84
CA GLN A 444 1.26 6.66 6.05
C GLN A 444 2.47 5.73 6.09
N TRP A 445 3.65 6.30 5.86
CA TRP A 445 4.90 5.51 5.97
C TRP A 445 5.05 4.91 7.38
N ARG A 446 4.91 5.77 8.38
CA ARG A 446 5.12 5.36 9.75
C ARG A 446 4.08 4.39 10.30
N TRP A 447 2.81 4.60 9.93
CA TRP A 447 1.76 3.63 10.23
C TRP A 447 2.07 2.25 9.64
N GLY A 448 2.61 2.22 8.43
CA GLY A 448 3.00 0.94 7.79
C GLY A 448 4.16 0.27 8.51
N VAL A 449 5.11 1.07 9.00
CA VAL A 449 6.19 0.52 9.80
C VAL A 449 5.69 -0.04 11.12
N PHE A 450 4.84 0.69 11.83
CA PHE A 450 4.31 0.21 13.07
C PHE A 450 3.45 -1.06 12.91
N SER A 451 2.67 -1.13 11.85
CA SER A 451 1.79 -2.30 11.63
C SER A 451 2.56 -3.53 11.16
N GLY A 452 3.81 -3.33 10.73
CA GLY A 452 4.62 -4.41 10.16
C GLY A 452 4.45 -4.60 8.66
N ARG A 453 3.58 -3.82 8.02
CA ARG A 453 3.46 -3.85 6.56
C ARG A 453 4.77 -3.41 5.90
N THR A 454 5.49 -2.48 6.56
CA THR A 454 6.81 -2.03 6.12
C THR A 454 7.88 -2.50 7.10
N PRO A 455 8.48 -3.69 6.84
CA PRO A 455 9.59 -4.13 7.67
C PRO A 455 10.88 -3.35 7.34
N PRO A 456 11.92 -3.51 8.17
CA PRO A 456 13.21 -2.83 7.91
C PRO A 456 13.78 -3.03 6.50
N SER A 457 13.55 -4.23 5.95
CA SER A 457 13.96 -4.55 4.58
C SER A 457 13.29 -3.66 3.49
N ARG A 458 12.21 -2.94 3.82
CA ARG A 458 11.56 -2.02 2.87
C ARG A 458 11.38 -0.59 3.40
N TYR A 459 12.15 -0.18 4.42
CA TYR A 459 12.00 1.21 4.95
C TYR A 459 12.14 2.26 3.86
N ASN A 460 13.19 2.15 3.05
CA ASN A 460 13.48 3.18 2.06
C ASN A 460 12.66 2.99 0.78
N PHE A 461 12.47 1.74 0.38
CA PHE A 461 11.66 1.40 -0.79
C PHE A 461 10.23 1.99 -0.62
N ASP A 462 9.65 1.77 0.55
CA ASP A 462 8.30 2.25 0.84
C ASP A 462 8.24 3.76 1.07
N TRP A 463 9.28 4.33 1.68
CA TRP A 463 9.40 5.79 1.80
C TRP A 463 9.38 6.45 0.42
N TRP A 464 10.25 5.96 -0.47
CA TRP A 464 10.31 6.54 -1.81
C TRP A 464 9.08 6.23 -2.68
N TYR A 465 8.44 5.08 -2.43
CA TYR A 465 7.17 4.81 -3.07
C TYR A 465 6.18 5.97 -2.76
N LEU A 466 6.05 6.28 -1.48
CA LEU A 466 5.09 7.31 -1.02
C LEU A 466 5.52 8.72 -1.43
N ARG A 467 6.81 8.99 -1.37
CA ARG A 467 7.34 10.30 -1.82
C ARG A 467 7.05 10.53 -3.30
N THR A 468 7.25 9.50 -4.13
CA THR A 468 6.92 9.61 -5.53
C THR A 468 5.39 9.67 -5.76
N LYS A 469 4.64 8.76 -5.15
CA LYS A 469 3.19 8.69 -5.31
C LYS A 469 2.50 10.02 -4.98
N TYR A 470 2.89 10.63 -3.88
CA TYR A 470 2.19 11.84 -3.40
C TYR A 470 2.84 13.14 -3.87
N GLN A 471 4.14 13.27 -3.64
CA GLN A 471 4.84 14.51 -3.98
C GLN A 471 5.35 14.61 -5.43
N GLY A 472 5.52 13.50 -6.13
CA GLY A 472 6.04 13.54 -7.48
C GLY A 472 7.46 14.04 -7.49
N ILE A 473 8.24 13.50 -6.56
CA ILE A 473 9.67 13.76 -6.49
C ILE A 473 10.46 12.45 -6.52
N CYS A 474 11.73 12.55 -6.88
CA CYS A 474 12.63 11.40 -6.92
C CYS A 474 13.96 11.79 -6.27
N PRO A 475 14.67 10.82 -5.67
CA PRO A 475 15.96 11.13 -5.09
C PRO A 475 16.95 11.43 -6.21
N PRO A 476 17.79 12.48 -6.04
CA PRO A 476 18.71 12.84 -7.11
C PRO A 476 19.96 11.97 -7.23
N VAL A 477 20.21 11.11 -6.24
CA VAL A 477 21.18 10.01 -6.35
C VAL A 477 20.51 8.70 -5.98
N THR A 478 21.10 7.59 -6.42
CA THR A 478 20.57 6.26 -6.17
C THR A 478 20.53 5.98 -4.66
N ARG A 479 19.47 5.32 -4.20
CA ARG A 479 19.36 4.88 -2.80
C ARG A 479 19.10 3.39 -2.77
N ASN A 480 19.45 2.75 -1.67
CA ASN A 480 19.21 1.34 -1.41
C ASN A 480 18.80 1.23 0.07
N GLU A 481 18.60 0.02 0.59
CA GLU A 481 18.11 -0.12 1.99
C GLU A 481 19.15 0.08 3.09
N THR A 482 20.38 0.41 2.74
CA THR A 482 21.34 0.94 3.71
C THR A 482 20.96 2.37 4.08
N HIS A 483 20.39 3.10 3.13
CA HIS A 483 19.89 4.43 3.38
C HIS A 483 18.57 4.37 4.13
N PHE A 484 18.31 5.37 4.96
CA PHE A 484 17.10 5.46 5.77
C PHE A 484 16.66 6.91 5.72
N ASP A 485 16.13 7.28 4.56
CA ASP A 485 15.83 8.68 4.23
C ASP A 485 14.71 9.25 5.09
N ALA A 486 13.76 8.41 5.51
CA ALA A 486 12.76 8.85 6.53
C ALA A 486 13.43 9.38 7.84
N GLY A 487 14.53 8.77 8.24
CA GLY A 487 15.22 9.15 9.45
C GLY A 487 15.90 10.52 9.38
N ALA A 488 16.07 11.09 8.17
CA ALA A 488 16.66 12.41 7.98
C ALA A 488 15.65 13.54 8.10
N LYS A 489 14.44 13.21 8.54
CA LYS A 489 13.41 14.21 8.85
C LYS A 489 13.19 14.20 10.35
N PHE A 490 13.29 15.38 10.98
CA PHE A 490 13.27 15.50 12.46
C PHE A 490 12.29 14.59 13.18
N HIS A 491 11.05 14.60 12.71
CA HIS A 491 9.96 14.00 13.45
C HIS A 491 10.07 12.48 13.60
N VAL A 492 10.82 11.83 12.71
CA VAL A 492 10.98 10.38 12.75
C VAL A 492 11.88 9.92 13.93
N PRO A 493 13.18 10.30 13.93
CA PRO A 493 14.00 9.96 15.12
C PRO A 493 13.55 10.64 16.42
N ASN A 494 12.84 11.77 16.33
CA ASN A 494 12.30 12.42 17.55
C ASN A 494 10.87 12.01 17.92
N VAL A 495 10.38 10.96 17.27
CA VAL A 495 9.14 10.30 17.58
C VAL A 495 8.00 11.28 17.78
N THR A 496 7.84 12.18 16.82
CA THR A 496 6.76 13.18 16.88
C THR A 496 5.82 12.83 15.74
N PRO A 497 4.52 12.57 16.03
CA PRO A 497 3.57 12.26 14.95
C PRO A 497 3.43 13.43 13.96
N TYR A 498 3.04 13.10 12.73
CA TYR A 498 3.02 14.01 11.59
C TYR A 498 1.63 14.32 11.04
N ILE A 499 0.65 13.43 11.20
CA ILE A 499 -0.65 13.64 10.54
C ILE A 499 -1.33 14.94 11.06
N ARG A 500 -0.99 15.33 12.28
CA ARG A 500 -1.35 16.65 12.83
C ARG A 500 -1.14 17.83 11.88
N TYR A 501 -0.13 17.77 11.02
CA TYR A 501 0.21 18.88 10.13
C TYR A 501 -0.69 18.91 8.90
N PHE A 502 -1.03 17.73 8.37
CA PHE A 502 -2.06 17.64 7.34
C PHE A 502 -3.39 18.17 7.87
N VAL A 503 -3.78 17.72 9.06
CA VAL A 503 -5.01 18.17 9.73
C VAL A 503 -5.00 19.69 9.95
N SER A 504 -3.88 20.19 10.44
CA SER A 504 -3.69 21.61 10.66
C SER A 504 -3.84 22.46 9.39
N PHE A 505 -3.23 22.00 8.31
CA PHE A 505 -3.27 22.74 7.04
C PHE A 505 -4.67 22.88 6.46
N VAL A 506 -5.56 21.92 6.72
CA VAL A 506 -6.97 22.06 6.34
C VAL A 506 -7.68 22.93 7.35
N LEU A 507 -7.50 22.59 8.62
CA LEU A 507 -8.18 23.26 9.73
C LEU A 507 -7.91 24.76 9.76
N GLN A 508 -6.68 25.16 9.47
CA GLN A 508 -6.32 26.58 9.62
C GLN A 508 -7.12 27.52 8.71
N PHE A 509 -7.52 27.02 7.55
CA PHE A 509 -8.38 27.78 6.64
C PHE A 509 -9.81 27.84 7.14
N GLN A 510 -10.28 26.76 7.79
CA GLN A 510 -11.59 26.80 8.47
C GLN A 510 -11.57 27.83 9.58
N PHE A 511 -10.51 27.84 10.39
CA PHE A 511 -10.38 28.83 11.46
C PHE A 511 -10.30 30.27 10.88
N HIS A 512 -9.43 30.46 9.89
CA HIS A 512 -9.26 31.76 9.23
C HIS A 512 -10.58 32.31 8.70
N GLU A 513 -11.33 31.47 7.99
CA GLU A 513 -12.67 31.86 7.53
C GLU A 513 -13.60 32.28 8.67
N ALA A 514 -13.62 31.50 9.76
CA ALA A 514 -14.51 31.81 10.88
C ALA A 514 -14.13 33.11 11.60
N LEU A 515 -12.84 33.29 11.84
CA LEU A 515 -12.33 34.49 12.51
C LEU A 515 -12.52 35.77 11.68
N CYS A 516 -12.26 35.65 10.39
CA CYS A 516 -12.50 36.76 9.44
C CYS A 516 -13.97 37.19 9.48
N LYS A 517 -14.88 36.22 9.47
CA LYS A 517 -16.31 36.54 9.56
C LYS A 517 -16.67 37.19 10.90
N GLU A 518 -16.14 36.65 11.99
CA GLU A 518 -16.38 37.21 13.32
C GLU A 518 -15.83 38.63 13.44
N ALA A 519 -14.73 38.90 12.74
CA ALA A 519 -14.13 40.24 12.68
C ALA A 519 -14.94 41.26 11.87
N GLY A 520 -15.99 40.82 11.18
CA GLY A 520 -16.78 41.69 10.32
C GLY A 520 -16.14 41.98 8.99
N TYR A 521 -15.12 41.20 8.61
CA TYR A 521 -14.47 41.39 7.34
C TYR A 521 -15.41 40.82 6.27
N GLU A 522 -15.54 41.55 5.16
CA GLU A 522 -16.46 41.18 4.09
C GLU A 522 -15.84 41.11 2.69
N GLY A 523 -14.52 41.17 2.61
CA GLY A 523 -13.80 41.02 1.34
C GLY A 523 -13.42 39.60 0.98
N PRO A 524 -12.56 39.46 -0.05
CA PRO A 524 -12.04 38.14 -0.42
C PRO A 524 -11.28 37.54 0.77
N LEU A 525 -11.43 36.24 0.98
CA LEU A 525 -10.87 35.59 2.16
C LEU A 525 -9.35 35.73 2.26
N HIS A 526 -8.67 35.63 1.12
CA HIS A 526 -7.22 35.70 1.08
C HIS A 526 -6.65 37.12 1.33
N GLN A 527 -7.51 38.15 1.39
CA GLN A 527 -7.12 39.49 1.80
C GLN A 527 -7.56 39.87 3.23
N CYS A 528 -8.16 38.94 3.96
CA CYS A 528 -8.53 39.19 5.34
C CYS A 528 -7.29 39.37 6.23
N ASP A 529 -7.34 40.36 7.11
CA ASP A 529 -6.36 40.52 8.18
C ASP A 529 -7.17 40.69 9.47
N ILE A 530 -7.00 39.77 10.42
CA ILE A 530 -7.74 39.88 11.71
C ILE A 530 -7.05 40.74 12.77
N TYR A 531 -5.87 41.33 12.43
CA TYR A 531 -5.14 42.24 13.32
C TYR A 531 -6.08 43.20 14.02
N ARG A 532 -5.95 43.30 15.33
CA ARG A 532 -6.73 44.26 16.14
C ARG A 532 -8.21 43.92 16.28
N SER A 533 -8.63 42.73 15.81
CA SER A 533 -10.02 42.31 15.98
C SER A 533 -10.17 41.62 17.33
N THR A 534 -10.71 42.35 18.30
CA THR A 534 -10.91 41.82 19.65
C THR A 534 -12.03 40.77 19.62
N LYS A 535 -13.03 40.94 18.75
CA LYS A 535 -14.06 39.91 18.54
C LYS A 535 -13.48 38.57 18.03
N ALA A 536 -12.63 38.65 17.01
CA ALA A 536 -11.92 37.44 16.54
C ALA A 536 -11.10 36.80 17.66
N GLY A 537 -10.37 37.63 18.41
CA GLY A 537 -9.59 37.16 19.53
C GLY A 537 -10.41 36.41 20.59
N ALA A 538 -11.60 36.93 20.89
CA ALA A 538 -12.51 36.29 21.85
C ALA A 538 -12.98 34.93 21.35
N LYS A 539 -13.26 34.82 20.06
CA LYS A 539 -13.66 33.53 19.48
C LYS A 539 -12.51 32.51 19.49
N LEU A 540 -11.32 32.97 19.14
CA LEU A 540 -10.14 32.10 19.22
C LEU A 540 -9.86 31.68 20.69
N ARG A 541 -10.05 32.61 21.63
CA ARG A 541 -9.75 32.36 23.07
C ARG A 541 -10.61 31.22 23.64
N LYS A 542 -11.87 31.16 23.23
CA LYS A 542 -12.78 30.07 23.60
C LYS A 542 -12.23 28.70 23.21
N VAL A 543 -11.66 28.59 22.01
CA VAL A 543 -11.03 27.35 21.59
C VAL A 543 -9.82 27.07 22.49
N LEU A 544 -8.97 28.08 22.69
CA LEU A 544 -7.73 27.87 23.41
C LEU A 544 -7.98 27.46 24.87
N ARG A 545 -8.95 28.10 25.53
CA ARG A 545 -9.28 27.80 26.93
C ARG A 545 -9.93 26.42 27.16
N ALA A 546 -10.51 25.82 26.12
CA ALA A 546 -11.11 24.48 26.21
C ALA A 546 -10.10 23.35 26.44
N GLY A 547 -8.87 23.53 25.96
CA GLY A 547 -7.89 22.47 25.90
C GLY A 547 -8.51 21.22 25.27
N SER A 548 -8.22 20.04 25.84
CA SER A 548 -8.87 18.78 25.44
C SER A 548 -10.03 18.38 26.35
N SER A 549 -10.69 19.36 26.96
CA SER A 549 -11.75 19.11 27.90
C SER A 549 -13.04 18.61 27.25
N ARG A 550 -13.22 18.92 25.96
CA ARG A 550 -14.41 18.58 25.18
C ARG A 550 -14.01 17.93 23.86
N PRO A 551 -14.90 17.11 23.27
CA PRO A 551 -14.55 16.52 21.97
C PRO A 551 -14.22 17.60 20.95
N TRP A 552 -13.21 17.35 20.12
CA TRP A 552 -12.77 18.34 19.14
C TRP A 552 -13.86 18.71 18.13
N GLN A 553 -14.73 17.75 17.80
CA GLN A 553 -15.83 17.98 16.87
C GLN A 553 -16.80 19.06 17.39
N GLU A 554 -17.04 19.07 18.71
CA GLU A 554 -17.91 20.08 19.33
C GLU A 554 -17.25 21.44 19.47
N VAL A 555 -15.96 21.44 19.79
CA VAL A 555 -15.18 22.68 19.80
C VAL A 555 -15.16 23.30 18.41
N LEU A 556 -14.89 22.49 17.39
CA LEU A 556 -14.87 22.95 15.99
C LEU A 556 -16.23 23.53 15.60
N LYS A 557 -17.30 22.80 15.93
CA LYS A 557 -18.67 23.26 15.63
C LYS A 557 -18.97 24.62 16.25
N ASP A 558 -18.62 24.82 17.51
CA ASP A 558 -18.79 26.13 18.15
C ASP A 558 -18.01 27.25 17.44
N MET A 559 -16.84 26.91 16.92
CA MET A 559 -15.97 27.90 16.32
C MET A 559 -16.38 28.26 14.90
N VAL A 560 -16.60 27.23 14.07
CA VAL A 560 -16.78 27.43 12.64
C VAL A 560 -18.14 27.04 12.06
N GLY A 561 -19.00 26.40 12.87
CA GLY A 561 -20.36 26.01 12.44
C GLY A 561 -20.45 24.61 11.86
N LEU A 562 -19.33 23.88 11.82
CA LEU A 562 -19.24 22.56 11.25
C LEU A 562 -18.48 21.66 12.22
N ASP A 563 -18.87 20.39 12.31
CA ASP A 563 -18.28 19.49 13.31
C ASP A 563 -17.27 18.54 12.69
N ALA A 564 -16.75 18.89 11.50
CA ALA A 564 -15.79 18.04 10.80
C ALA A 564 -14.79 18.87 10.04
N LEU A 565 -13.68 18.22 9.71
CA LEU A 565 -12.70 18.81 8.83
C LEU A 565 -13.34 18.97 7.47
N ASP A 566 -13.01 20.04 6.78
CA ASP A 566 -13.66 20.40 5.52
C ASP A 566 -12.65 21.18 4.70
N ALA A 567 -12.42 20.74 3.45
CA ALA A 567 -11.47 21.38 2.54
C ALA A 567 -12.02 22.65 1.87
N GLN A 568 -13.32 22.92 1.97
CA GLN A 568 -13.92 24.04 1.26
C GLN A 568 -13.29 25.43 1.57
N PRO A 569 -13.05 25.74 2.87
CA PRO A 569 -12.40 27.04 3.13
C PRO A 569 -11.04 27.21 2.45
N LEU A 570 -10.20 26.18 2.49
CA LEU A 570 -8.93 26.19 1.79
C LEU A 570 -9.17 26.40 0.29
N LEU A 571 -10.13 25.67 -0.28
CA LEU A 571 -10.38 25.78 -1.73
C LEU A 571 -10.87 27.17 -2.11
N LYS A 572 -11.74 27.74 -1.29
CA LYS A 572 -12.23 29.10 -1.47
C LYS A 572 -11.10 30.13 -1.41
N TYR A 573 -10.19 29.95 -0.46
CA TYR A 573 -9.07 30.86 -0.30
C TYR A 573 -8.21 30.91 -1.56
N PHE A 574 -7.94 29.74 -2.12
CA PHE A 574 -7.04 29.60 -3.25
C PHE A 574 -7.69 29.68 -4.65
N GLN A 575 -9.01 29.79 -4.70
CA GLN A 575 -9.82 29.63 -5.93
C GLN A 575 -9.23 30.32 -7.15
N LEU A 576 -8.87 31.59 -7.00
CA LEU A 576 -8.32 32.39 -8.12
C LEU A 576 -7.05 31.78 -8.70
N VAL A 577 -6.12 31.32 -7.85
CA VAL A 577 -4.88 30.75 -8.37
C VAL A 577 -5.03 29.30 -8.83
N THR A 578 -5.95 28.56 -8.23
CA THR A 578 -6.33 27.23 -8.68
C THR A 578 -6.80 27.33 -10.14
N GLN A 579 -7.69 28.29 -10.40
CA GLN A 579 -8.19 28.53 -11.76
C GLN A 579 -7.06 28.94 -12.71
N TRP A 580 -6.26 29.91 -12.28
CA TRP A 580 -5.17 30.43 -13.09
C TRP A 580 -4.12 29.38 -13.43
N LEU A 581 -3.69 28.56 -12.46
CA LEU A 581 -2.71 27.52 -12.73
C LEU A 581 -3.25 26.47 -13.70
N GLN A 582 -4.52 26.11 -13.55
CA GLN A 582 -5.18 25.16 -14.43
C GLN A 582 -5.14 25.72 -15.86
N GLU A 583 -5.56 26.97 -16.02
CA GLU A 583 -5.53 27.64 -17.33
C GLU A 583 -4.10 27.71 -17.90
N GLN A 584 -3.14 28.10 -17.07
CA GLN A 584 -1.75 28.24 -17.53
C GLN A 584 -1.13 26.91 -17.96
N ASN A 585 -1.30 25.86 -17.16
CA ASN A 585 -0.80 24.53 -17.53
C ASN A 585 -1.41 24.00 -18.84
N GLN A 586 -2.71 24.19 -19.01
CA GLN A 586 -3.39 23.80 -20.26
C GLN A 586 -2.81 24.58 -21.44
N GLN A 587 -2.69 25.89 -21.28
CA GLN A 587 -2.07 26.73 -22.31
C GLN A 587 -0.62 26.36 -22.63
N ASN A 588 0.15 25.94 -21.62
CA ASN A 588 1.53 25.52 -21.87
C ASN A 588 1.66 24.05 -22.35
N GLY A 589 0.55 23.32 -22.47
CA GLY A 589 0.58 21.91 -22.86
C GLY A 589 1.30 20.98 -21.88
N GLU A 590 1.12 21.24 -20.58
CA GLU A 590 1.77 20.44 -19.55
C GLU A 590 1.08 19.09 -19.39
N VAL A 591 1.84 18.08 -19.00
CA VAL A 591 1.24 16.85 -18.48
C VAL A 591 1.12 17.03 -16.97
N LEU A 592 -0.08 16.83 -16.45
CA LEU A 592 -0.30 16.81 -15.01
C LEU A 592 0.13 15.44 -14.48
N GLY A 593 1.02 15.42 -13.49
CA GLY A 593 1.54 14.17 -12.93
C GLY A 593 2.90 13.83 -13.50
N TRP A 594 3.35 12.60 -13.27
CA TRP A 594 4.73 12.21 -13.58
C TRP A 594 4.71 10.76 -14.12
N PRO A 595 4.13 10.57 -15.31
CA PRO A 595 3.97 9.21 -15.84
C PRO A 595 5.29 8.48 -16.10
N GLU A 596 6.39 9.22 -16.22
CA GLU A 596 7.71 8.59 -16.28
C GLU A 596 8.25 8.38 -14.86
N TYR A 597 7.53 7.54 -14.12
CA TYR A 597 7.70 7.34 -12.67
C TYR A 597 9.05 6.75 -12.27
N GLN A 598 9.70 6.09 -13.23
CA GLN A 598 10.99 5.46 -13.01
C GLN A 598 12.15 6.44 -13.18
N TRP A 599 11.88 7.63 -13.74
CA TRP A 599 12.93 8.56 -14.09
C TRP A 599 13.69 9.10 -12.87
N HIS A 600 15.03 9.06 -12.99
CA HIS A 600 15.94 9.71 -12.06
C HIS A 600 16.95 10.53 -12.84
N PRO A 601 17.36 11.69 -12.30
CA PRO A 601 18.33 12.51 -13.04
C PRO A 601 19.72 11.86 -13.08
N PRO A 602 20.55 12.22 -14.07
CA PRO A 602 21.93 11.71 -14.03
C PRO A 602 22.75 12.48 -12.98
N LEU A 603 23.92 11.96 -12.66
CA LEU A 603 24.86 12.69 -11.80
C LEU A 603 25.48 13.81 -12.62
N PRO A 604 25.83 14.94 -11.96
CA PRO A 604 26.70 15.93 -12.65
C PRO A 604 28.04 15.32 -13.08
N ASP A 605 28.63 15.85 -14.14
CA ASP A 605 29.79 15.23 -14.80
C ASP A 605 30.95 14.91 -13.86
N ASN A 606 31.31 15.90 -13.05
CA ASN A 606 32.45 15.80 -12.16
C ASN A 606 32.08 15.61 -10.68
N TYR A 607 30.83 15.23 -10.39
CA TYR A 607 30.38 15.09 -9.01
C TYR A 607 31.06 13.86 -8.37
N PRO A 608 31.52 13.93 -7.11
CA PRO A 608 31.44 15.10 -6.21
C PRO A 608 32.71 15.96 -6.09
N GLU A 609 33.80 15.61 -6.80
CA GLU A 609 35.09 16.34 -6.74
C GLU A 609 34.99 17.87 -6.94
N GLY A 610 33.94 18.34 -7.63
CA GLY A 610 33.68 19.78 -7.75
C GLY A 610 33.34 20.43 -6.41
N LEU B 1 -36.88 -11.08 -23.15
CA LEU B 1 -36.69 -12.47 -22.62
C LEU B 1 -37.90 -13.36 -22.96
N ASP B 2 -37.62 -14.56 -23.47
CA ASP B 2 -38.68 -15.51 -23.81
C ASP B 2 -39.56 -15.82 -22.58
N PRO B 3 -40.91 -15.86 -22.76
CA PRO B 3 -41.89 -16.14 -21.71
C PRO B 3 -41.62 -17.36 -20.82
N GLY B 4 -41.16 -18.45 -21.41
CA GLY B 4 -40.84 -19.68 -20.67
C GLY B 4 -39.61 -19.60 -19.76
N LEU B 5 -38.84 -18.53 -19.89
CA LEU B 5 -37.70 -18.25 -19.03
C LEU B 5 -38.01 -17.21 -17.92
N GLN B 6 -39.21 -16.65 -17.91
CA GLN B 6 -39.57 -15.64 -16.91
C GLN B 6 -40.13 -16.29 -15.64
N PRO B 7 -39.86 -15.69 -14.47
CA PRO B 7 -40.26 -16.33 -13.22
C PRO B 7 -41.77 -16.20 -12.95
N GLY B 8 -42.38 -17.30 -12.51
CA GLY B 8 -43.79 -17.28 -12.10
C GLY B 8 -43.97 -16.70 -10.70
N GLN B 9 -45.20 -16.79 -10.19
CA GLN B 9 -45.51 -16.41 -8.82
C GLN B 9 -45.28 -17.60 -7.89
N PHE B 10 -44.66 -17.32 -6.75
CA PHE B 10 -44.44 -18.31 -5.70
C PHE B 10 -44.79 -17.65 -4.37
N SER B 11 -45.07 -18.46 -3.35
CA SER B 11 -45.44 -17.92 -2.04
C SER B 11 -44.21 -17.35 -1.35
N ALA B 12 -44.44 -16.33 -0.52
CA ALA B 12 -43.36 -15.59 0.12
C ALA B 12 -42.97 -16.26 1.44
N ASP B 13 -42.44 -17.47 1.32
CA ASP B 13 -42.01 -18.28 2.46
C ASP B 13 -41.00 -19.31 2.00
N GLU B 14 -40.46 -20.06 2.95
CA GLU B 14 -39.43 -21.05 2.67
C GLU B 14 -39.88 -22.12 1.68
N ALA B 15 -41.09 -22.63 1.88
CA ALA B 15 -41.65 -23.65 1.00
C ALA B 15 -41.78 -23.14 -0.44
N GLY B 16 -42.35 -21.94 -0.58
CA GLY B 16 -42.43 -21.27 -1.88
C GLY B 16 -41.08 -21.01 -2.49
N ALA B 17 -40.11 -20.58 -1.66
CA ALA B 17 -38.75 -20.34 -2.12
C ALA B 17 -38.04 -21.61 -2.60
N GLN B 18 -38.37 -22.77 -2.01
CA GLN B 18 -37.84 -24.05 -2.52
C GLN B 18 -38.32 -24.35 -3.93
N LEU B 19 -39.60 -24.05 -4.19
CA LEU B 19 -40.14 -24.18 -5.55
C LEU B 19 -39.52 -23.15 -6.50
N PHE B 20 -39.36 -21.92 -6.01
CA PHE B 20 -38.74 -20.83 -6.78
C PHE B 20 -37.37 -21.24 -7.30
N ALA B 21 -36.57 -21.82 -6.41
CA ALA B 21 -35.20 -22.23 -6.74
C ALA B 21 -35.20 -23.34 -7.79
N GLN B 22 -36.11 -24.31 -7.65
CA GLN B 22 -36.25 -25.39 -8.66
C GLN B 22 -36.58 -24.81 -10.03
N SER B 23 -37.50 -23.86 -10.04
CA SER B 23 -37.91 -23.20 -11.27
C SER B 23 -36.76 -22.41 -11.87
N TYR B 24 -36.05 -21.63 -11.04
CA TYR B 24 -34.87 -20.86 -11.47
C TYR B 24 -33.85 -21.74 -12.16
N GLN B 25 -33.53 -22.86 -11.52
CA GLN B 25 -32.40 -23.68 -11.91
C GLN B 25 -32.74 -24.49 -13.16
N SER B 26 -34.02 -24.87 -13.29
CA SER B 26 -34.57 -25.38 -14.54
C SER B 26 -34.33 -24.45 -15.75
N SER B 27 -34.74 -23.18 -15.65
CA SER B 27 -34.52 -22.23 -16.77
C SER B 27 -33.07 -21.76 -16.90
N ALA B 28 -32.34 -21.72 -15.77
CA ALA B 28 -30.97 -21.24 -15.78
C ALA B 28 -30.07 -22.14 -16.62
N GLU B 29 -30.27 -23.46 -16.55
CA GLU B 29 -29.52 -24.41 -17.39
C GLU B 29 -29.53 -24.05 -18.88
N GLN B 30 -30.68 -23.62 -19.38
CA GLN B 30 -30.83 -23.25 -20.79
C GLN B 30 -30.07 -22.00 -21.15
N VAL B 31 -30.17 -21.00 -20.27
CA VAL B 31 -29.54 -19.70 -20.50
C VAL B 31 -28.01 -19.84 -20.33
N LEU B 32 -27.57 -20.59 -19.33
CA LEU B 32 -26.13 -20.81 -19.16
C LEU B 32 -25.55 -21.57 -20.34
N PHE B 33 -26.25 -22.61 -20.78
CA PHE B 33 -25.79 -23.39 -21.93
C PHE B 33 -25.55 -22.50 -23.15
N GLN B 34 -26.49 -21.60 -23.44
CA GLN B 34 -26.35 -20.73 -24.63
C GLN B 34 -25.21 -19.70 -24.52
N SER B 35 -24.96 -19.18 -23.32
CA SER B 35 -23.80 -18.30 -23.09
C SER B 35 -22.51 -19.07 -23.28
N VAL B 36 -22.40 -20.23 -22.66
CA VAL B 36 -21.15 -21.00 -22.69
C VAL B 36 -20.87 -21.46 -24.13
N ALA B 37 -21.92 -21.96 -24.80
CA ALA B 37 -21.83 -22.35 -26.21
C ALA B 37 -21.31 -21.24 -27.10
N ALA B 38 -21.83 -20.03 -26.95
CA ALA B 38 -21.36 -18.89 -27.72
C ALA B 38 -19.94 -18.42 -27.32
N SER B 39 -19.62 -18.49 -26.03
CA SER B 39 -18.25 -18.22 -25.61
C SER B 39 -17.29 -19.24 -26.25
N TRP B 40 -17.70 -20.51 -26.28
CA TRP B 40 -16.90 -21.56 -26.91
C TRP B 40 -16.64 -21.26 -28.39
N ALA B 41 -17.71 -20.95 -29.13
CA ALA B 41 -17.62 -20.65 -30.56
C ALA B 41 -16.70 -19.47 -30.87
N HIS B 42 -16.68 -18.47 -30.00
CA HIS B 42 -15.71 -17.37 -30.12
C HIS B 42 -14.28 -17.78 -29.78
N ASP B 43 -14.06 -18.38 -28.62
CA ASP B 43 -12.70 -18.59 -28.12
C ASP B 43 -11.92 -19.62 -28.94
N THR B 44 -12.66 -20.52 -29.64
CA THR B 44 -12.00 -21.47 -30.54
C THR B 44 -11.96 -20.98 -31.97
N ASN B 45 -12.31 -19.70 -32.20
CA ASN B 45 -12.48 -19.15 -33.53
C ASN B 45 -12.84 -17.66 -33.39
N ILE B 46 -11.83 -16.84 -33.08
CA ILE B 46 -12.06 -15.43 -32.77
C ILE B 46 -12.34 -14.68 -34.07
N THR B 47 -13.59 -14.22 -34.22
CA THR B 47 -14.01 -13.33 -35.31
C THR B 47 -14.97 -12.30 -34.76
N ALA B 48 -15.06 -11.18 -35.46
CA ALA B 48 -16.05 -10.13 -35.15
C ALA B 48 -17.47 -10.72 -35.02
N GLU B 49 -17.82 -11.62 -35.93
CA GLU B 49 -19.15 -12.23 -35.92
C GLU B 49 -19.38 -13.07 -34.68
N ASN B 50 -18.39 -13.90 -34.33
CA ASN B 50 -18.52 -14.71 -33.12
C ASN B 50 -18.54 -13.86 -31.87
N ALA B 51 -17.82 -12.74 -31.89
CA ALA B 51 -17.93 -11.74 -30.81
C ALA B 51 -19.36 -11.16 -30.68
N ARG B 52 -19.95 -10.77 -31.80
CA ARG B 52 -21.35 -10.30 -31.81
C ARG B 52 -22.31 -11.33 -31.17
N ARG B 53 -22.17 -12.59 -31.57
CA ARG B 53 -23.04 -13.65 -31.08
C ARG B 53 -22.88 -13.87 -29.60
N GLN B 54 -21.63 -13.87 -29.15
CA GLN B 54 -21.31 -14.03 -27.74
C GLN B 54 -21.93 -12.87 -26.92
N GLU B 55 -21.86 -11.67 -27.48
CA GLU B 55 -22.50 -10.49 -26.87
C GLU B 55 -24.03 -10.51 -26.78
N GLU B 56 -24.69 -11.00 -27.84
CA GLU B 56 -26.13 -11.26 -27.81
C GLU B 56 -26.45 -12.20 -26.67
N ALA B 57 -25.66 -13.28 -26.56
CA ALA B 57 -25.90 -14.30 -25.56
C ALA B 57 -25.74 -13.74 -24.16
N ALA B 58 -24.71 -12.92 -23.98
CA ALA B 58 -24.41 -12.27 -22.71
C ALA B 58 -25.55 -11.32 -22.27
N LEU B 59 -26.06 -10.52 -23.21
CA LEU B 59 -27.31 -9.72 -22.96
C LEU B 59 -28.50 -10.54 -22.51
N LEU B 60 -28.69 -11.67 -23.17
CA LEU B 60 -29.77 -12.57 -22.83
C LEU B 60 -29.60 -13.10 -21.42
N SER B 61 -28.37 -13.49 -21.06
CA SER B 61 -28.04 -13.87 -19.67
C SER B 61 -28.40 -12.80 -18.65
N GLN B 62 -28.10 -11.55 -18.97
CA GLN B 62 -28.33 -10.44 -18.05
C GLN B 62 -29.84 -10.15 -17.89
N GLU B 63 -30.59 -10.23 -19.00
CA GLU B 63 -32.07 -10.19 -18.91
C GLU B 63 -32.59 -11.23 -17.91
N PHE B 64 -32.10 -12.45 -18.07
CA PHE B 64 -32.49 -13.56 -17.22
C PHE B 64 -32.12 -13.32 -15.74
N ALA B 65 -30.88 -12.90 -15.48
CA ALA B 65 -30.42 -12.66 -14.10
C ALA B 65 -31.20 -11.50 -13.46
N GLU B 66 -31.50 -10.46 -14.24
CA GLU B 66 -32.32 -9.36 -13.76
C GLU B 66 -33.71 -9.82 -13.33
N ALA B 67 -34.42 -10.52 -14.23
CA ALA B 67 -35.80 -10.94 -13.95
C ALA B 67 -35.86 -11.83 -12.69
N TRP B 68 -34.92 -12.78 -12.60
CA TRP B 68 -34.91 -13.72 -11.47
C TRP B 68 -34.35 -13.11 -10.17
N GLY B 69 -33.39 -12.19 -10.31
CA GLY B 69 -32.88 -11.41 -9.17
C GLY B 69 -33.93 -10.49 -8.57
N GLN B 70 -34.64 -9.76 -9.43
CA GLN B 70 -35.75 -8.90 -9.01
C GLN B 70 -36.85 -9.68 -8.30
N LYS B 71 -37.25 -10.78 -8.91
CA LYS B 71 -38.28 -11.63 -8.32
C LYS B 71 -37.86 -12.16 -6.96
N ALA B 72 -36.62 -12.66 -6.83
CA ALA B 72 -36.11 -13.16 -5.53
C ALA B 72 -36.18 -12.09 -4.43
N LYS B 73 -35.87 -10.84 -4.80
CA LYS B 73 -35.94 -9.73 -3.85
C LYS B 73 -37.40 -9.33 -3.53
N GLU B 74 -38.26 -9.27 -4.55
CA GLU B 74 -39.71 -9.07 -4.32
C GLU B 74 -40.28 -10.06 -3.31
N LEU B 75 -39.97 -11.34 -3.50
CA LEU B 75 -40.58 -12.39 -2.69
C LEU B 75 -39.87 -12.60 -1.36
N TYR B 76 -38.53 -12.58 -1.35
CA TYR B 76 -37.76 -13.16 -0.23
C TYR B 76 -36.75 -12.24 0.49
N GLU B 77 -36.62 -10.98 0.07
CA GLU B 77 -35.56 -10.10 0.61
C GLU B 77 -35.59 -9.97 2.13
N PRO B 78 -36.78 -9.68 2.72
CA PRO B 78 -36.82 -9.57 4.18
C PRO B 78 -36.58 -10.88 4.96
N ILE B 79 -36.81 -12.04 4.33
CA ILE B 79 -36.95 -13.33 5.04
C ILE B 79 -35.94 -14.44 4.69
N TRP B 80 -35.26 -14.36 3.54
CA TRP B 80 -34.42 -15.49 3.09
C TRP B 80 -33.29 -15.84 4.05
N GLN B 81 -32.68 -14.83 4.66
CA GLN B 81 -31.62 -15.04 5.65
C GLN B 81 -32.02 -15.87 6.88
N GLN B 82 -33.33 -15.97 7.18
CA GLN B 82 -33.83 -16.79 8.30
C GLN B 82 -34.38 -18.19 7.90
N PHE B 83 -34.27 -18.58 6.62
CA PHE B 83 -34.70 -19.92 6.19
C PHE B 83 -33.87 -21.04 6.85
N THR B 84 -34.51 -22.15 7.17
CA THR B 84 -33.84 -23.28 7.85
C THR B 84 -32.90 -24.08 6.93
N ASP B 85 -33.24 -24.24 5.66
CA ASP B 85 -32.38 -24.98 4.71
C ASP B 85 -31.16 -24.10 4.34
N PRO B 86 -29.94 -24.47 4.82
CA PRO B 86 -28.75 -23.65 4.48
C PRO B 86 -28.36 -23.67 2.99
N GLN B 87 -28.67 -24.75 2.28
CA GLN B 87 -28.42 -24.81 0.83
C GLN B 87 -29.32 -23.83 0.07
N LEU B 88 -30.60 -23.76 0.48
CA LEU B 88 -31.55 -22.81 -0.08
C LEU B 88 -31.10 -21.36 0.12
N ARG B 89 -30.65 -21.05 1.32
CA ARG B 89 -30.13 -19.71 1.64
C ARG B 89 -28.94 -19.30 0.72
N ARG B 90 -28.10 -20.28 0.37
CA ARG B 90 -26.97 -20.03 -0.54
C ARG B 90 -27.43 -19.81 -1.98
N ILE B 91 -28.43 -20.58 -2.41
CA ILE B 91 -29.03 -20.42 -3.74
C ILE B 91 -29.71 -19.05 -3.87
N ILE B 92 -30.50 -18.67 -2.86
CA ILE B 92 -31.23 -17.39 -2.94
C ILE B 92 -30.27 -16.20 -2.84
N GLY B 93 -29.27 -16.32 -1.96
CA GLY B 93 -28.14 -15.38 -1.93
C GLY B 93 -27.45 -15.22 -3.28
N ALA B 94 -27.25 -16.32 -3.99
CA ALA B 94 -26.64 -16.32 -5.33
C ALA B 94 -27.54 -15.61 -6.35
N VAL B 95 -28.84 -15.93 -6.31
CA VAL B 95 -29.81 -15.41 -7.30
C VAL B 95 -30.06 -13.89 -7.15
N ARG B 96 -30.07 -13.40 -5.91
CA ARG B 96 -30.33 -11.97 -5.65
C ARG B 96 -29.12 -11.06 -5.96
N THR B 97 -27.98 -11.66 -6.31
CA THR B 97 -26.79 -10.93 -6.77
C THR B 97 -26.82 -10.78 -8.30
N LEU B 98 -27.11 -9.56 -8.78
CA LEU B 98 -27.32 -9.31 -10.21
C LEU B 98 -26.06 -9.05 -11.03
N GLY B 99 -24.98 -8.60 -10.38
CA GLY B 99 -23.74 -8.22 -11.08
C GLY B 99 -24.00 -7.23 -12.19
N SER B 100 -23.42 -7.49 -13.36
CA SER B 100 -23.58 -6.63 -14.55
C SER B 100 -25.03 -6.46 -15.04
N ALA B 101 -25.95 -7.33 -14.58
CA ALA B 101 -27.38 -7.13 -14.86
C ALA B 101 -27.98 -5.92 -14.14
N ASN B 102 -27.29 -5.41 -13.11
CA ASN B 102 -27.65 -4.11 -12.51
C ASN B 102 -27.45 -2.93 -13.45
N LEU B 103 -26.63 -3.11 -14.50
CA LEU B 103 -26.38 -2.03 -15.45
C LEU B 103 -27.59 -1.78 -16.32
N PRO B 104 -27.82 -0.50 -16.69
CA PRO B 104 -28.83 -0.22 -17.69
C PRO B 104 -28.40 -0.85 -19.02
N LEU B 105 -29.35 -1.00 -19.94
CA LEU B 105 -29.13 -1.70 -21.22
C LEU B 105 -27.90 -1.21 -21.98
N ALA B 106 -27.79 0.11 -22.13
CA ALA B 106 -26.68 0.72 -22.90
C ALA B 106 -25.31 0.40 -22.28
N LYS B 107 -25.25 0.32 -20.97
CA LYS B 107 -24.00 -0.01 -20.29
C LYS B 107 -23.73 -1.52 -20.23
N ARG B 108 -24.79 -2.34 -20.31
CA ARG B 108 -24.64 -3.80 -20.45
C ARG B 108 -23.93 -4.13 -21.73
N GLN B 109 -24.37 -3.48 -22.81
CA GLN B 109 -23.77 -3.64 -24.14
C GLN B 109 -22.32 -3.20 -24.13
N GLN B 110 -22.08 -2.03 -23.54
CA GLN B 110 -20.74 -1.46 -23.48
C GLN B 110 -19.73 -2.35 -22.71
N TYR B 111 -20.18 -2.89 -21.58
CA TYR B 111 -19.42 -3.87 -20.76
C TYR B 111 -19.11 -5.15 -21.52
N ASN B 112 -20.15 -5.73 -22.13
CA ASN B 112 -20.04 -6.96 -22.91
C ASN B 112 -19.06 -6.76 -24.06
N ALA B 113 -19.15 -5.61 -24.72
CA ALA B 113 -18.26 -5.25 -25.83
C ALA B 113 -16.78 -5.06 -25.42
N LEU B 114 -16.55 -4.49 -24.24
CA LEU B 114 -15.17 -4.33 -23.73
C LEU B 114 -14.53 -5.69 -23.49
N LEU B 115 -15.32 -6.61 -22.93
CA LEU B 115 -14.84 -7.97 -22.64
C LEU B 115 -14.38 -8.66 -23.94
N SER B 116 -15.18 -8.55 -25.02
CA SER B 116 -14.79 -9.15 -26.31
C SER B 116 -13.51 -8.54 -26.84
N GLN B 117 -13.42 -7.21 -26.77
CA GLN B 117 -12.28 -6.52 -27.35
C GLN B 117 -10.98 -6.72 -26.57
N MET B 118 -11.06 -6.73 -25.24
CA MET B 118 -9.88 -7.07 -24.41
C MET B 118 -9.40 -8.50 -24.70
N SER B 119 -10.34 -9.43 -24.81
CA SER B 119 -10.01 -10.82 -25.13
C SER B 119 -9.32 -10.92 -26.47
N ARG B 120 -9.86 -10.26 -27.48
CA ARG B 120 -9.26 -10.25 -28.82
C ARG B 120 -7.85 -9.71 -28.79
N ILE B 121 -7.64 -8.57 -28.13
CA ILE B 121 -6.31 -7.93 -28.13
C ILE B 121 -5.27 -8.87 -27.49
N TYR B 122 -5.61 -9.42 -26.34
CA TYR B 122 -4.69 -10.35 -25.66
C TYR B 122 -4.35 -11.54 -26.55
N SER B 123 -5.38 -12.22 -27.06
CA SER B 123 -5.19 -13.54 -27.69
C SER B 123 -4.77 -13.48 -29.16
N THR B 124 -4.78 -12.29 -29.76
CA THR B 124 -4.31 -12.08 -31.12
C THR B 124 -3.05 -11.22 -31.22
N ALA B 125 -2.57 -10.61 -30.14
CA ALA B 125 -1.36 -9.78 -30.21
C ALA B 125 -0.16 -10.59 -30.68
N LYS B 126 0.72 -9.96 -31.44
CA LYS B 126 1.93 -10.61 -31.96
C LYS B 126 3.17 -9.73 -31.80
N VAL B 127 4.34 -10.36 -31.91
CA VAL B 127 5.62 -9.68 -31.86
C VAL B 127 6.31 -9.92 -33.20
N CYS B 128 6.57 -8.83 -33.93
CA CYS B 128 7.15 -8.89 -35.27
C CYS B 128 8.62 -8.47 -35.22
N LEU B 129 9.44 -9.09 -36.06
CA LEU B 129 10.90 -8.95 -36.02
C LEU B 129 11.40 -7.79 -36.87
N THR B 133 11.63 -7.47 -41.21
CA THR B 133 10.19 -7.55 -41.01
C THR B 133 9.55 -8.63 -41.89
N ALA B 134 9.71 -9.89 -41.46
CA ALA B 134 9.15 -11.06 -42.16
C ALA B 134 7.95 -11.63 -41.37
N THR B 135 8.19 -12.62 -40.50
CA THR B 135 7.12 -13.34 -39.81
C THR B 135 6.99 -12.87 -38.34
N CYS B 136 5.78 -12.98 -37.79
CA CYS B 136 5.48 -12.46 -36.45
C CYS B 136 5.18 -13.59 -35.47
N TRP B 137 5.69 -13.47 -34.25
CA TRP B 137 5.56 -14.50 -33.22
C TRP B 137 4.31 -14.32 -32.37
N SER B 138 3.65 -15.43 -32.10
CA SER B 138 2.53 -15.47 -31.15
C SER B 138 3.08 -15.85 -29.78
N LEU B 139 2.30 -15.53 -28.75
CA LEU B 139 2.64 -15.91 -27.38
C LEU B 139 2.85 -17.41 -27.25
N ASP B 140 1.86 -18.16 -27.71
CA ASP B 140 1.84 -19.62 -27.62
C ASP B 140 1.74 -20.14 -29.06
N PRO B 141 2.74 -20.84 -29.59
CA PRO B 141 3.88 -21.39 -28.87
C PRO B 141 5.17 -20.55 -28.89
N ASP B 142 5.25 -19.51 -29.72
CA ASP B 142 6.57 -18.99 -30.15
C ASP B 142 7.33 -18.28 -29.04
N LEU B 143 6.68 -17.30 -28.41
CA LEU B 143 7.30 -16.55 -27.33
C LEU B 143 7.45 -17.41 -26.05
N THR B 144 6.47 -18.26 -25.78
CA THR B 144 6.58 -19.23 -24.68
C THR B 144 7.84 -20.09 -24.83
N ASN B 145 8.06 -20.64 -26.02
CA ASN B 145 9.26 -21.45 -26.26
C ASN B 145 10.56 -20.66 -26.09
N ILE B 146 10.58 -19.43 -26.60
CA ILE B 146 11.77 -18.57 -26.43
C ILE B 146 12.07 -18.33 -24.95
N LEU B 147 11.05 -17.87 -24.20
CA LEU B 147 11.20 -17.64 -22.76
C LEU B 147 11.67 -18.87 -22.00
N ALA B 148 11.19 -20.06 -22.39
CA ALA B 148 11.53 -21.32 -21.73
C ALA B 148 12.94 -21.85 -22.02
N SER B 149 13.43 -21.65 -23.25
CA SER B 149 14.66 -22.31 -23.71
C SER B 149 15.84 -21.40 -24.11
N SER B 150 15.58 -20.17 -24.56
CA SER B 150 16.67 -19.28 -24.97
C SER B 150 17.53 -18.91 -23.76
N ARG B 151 18.84 -18.97 -23.94
CA ARG B 151 19.78 -18.46 -22.95
C ARG B 151 20.50 -17.24 -23.52
N SER B 152 19.92 -16.60 -24.50
CA SER B 152 20.43 -15.36 -25.07
C SER B 152 19.71 -14.20 -24.36
N TYR B 153 20.47 -13.41 -23.61
CA TYR B 153 19.93 -12.26 -22.90
C TYR B 153 19.14 -11.32 -23.83
N ALA B 154 19.70 -10.99 -24.99
CA ALA B 154 19.05 -10.06 -25.94
C ALA B 154 17.79 -10.64 -26.58
N MET B 155 17.82 -11.92 -26.92
CA MET B 155 16.64 -12.59 -27.48
C MET B 155 15.48 -12.64 -26.45
N LEU B 156 15.79 -13.09 -25.23
CA LEU B 156 14.81 -13.11 -24.11
C LEU B 156 14.22 -11.72 -23.89
N LEU B 157 15.09 -10.71 -23.94
CA LEU B 157 14.68 -9.33 -23.75
C LEU B 157 13.72 -8.87 -24.87
N PHE B 158 14.07 -9.16 -26.10
CA PHE B 158 13.25 -8.82 -27.26
C PHE B 158 11.84 -9.44 -27.15
N ALA B 159 11.81 -10.70 -26.72
CA ALA B 159 10.58 -11.43 -26.56
C ALA B 159 9.74 -10.80 -25.42
N TRP B 160 10.36 -10.58 -24.27
CA TRP B 160 9.71 -9.95 -23.09
C TRP B 160 9.16 -8.56 -23.39
N GLU B 161 10.01 -7.70 -23.97
CA GLU B 161 9.60 -6.33 -24.32
C GLU B 161 8.53 -6.33 -25.38
N GLY B 162 8.76 -7.07 -26.47
CA GLY B 162 7.77 -7.17 -27.55
C GLY B 162 6.38 -7.53 -27.05
N TRP B 163 6.32 -8.59 -26.25
CA TRP B 163 5.05 -9.08 -25.75
C TRP B 163 4.37 -8.03 -24.86
N HIS B 164 5.10 -7.48 -23.90
CA HIS B 164 4.49 -6.53 -22.95
C HIS B 164 3.99 -5.27 -23.64
N ASN B 165 4.79 -4.77 -24.60
CA ASN B 165 4.38 -3.63 -25.44
C ASN B 165 3.16 -3.91 -26.30
N ALA B 166 3.16 -5.06 -27.00
CA ALA B 166 2.09 -5.40 -27.93
C ALA B 166 0.76 -5.68 -27.27
N ALA B 167 0.76 -6.40 -26.16
CA ALA B 167 -0.48 -6.73 -25.48
C ALA B 167 -0.95 -5.60 -24.57
N GLY B 168 -0.04 -5.03 -23.79
CA GLY B 168 -0.41 -4.12 -22.70
C GLY B 168 -0.89 -2.75 -23.12
N ILE B 169 -0.11 -2.11 -23.98
CA ILE B 169 -0.37 -0.71 -24.37
C ILE B 169 -1.81 -0.49 -24.87
N PRO B 170 -2.29 -1.29 -25.86
CA PRO B 170 -3.68 -1.11 -26.33
C PRO B 170 -4.79 -1.48 -25.36
N LEU B 171 -4.49 -2.36 -24.39
CA LEU B 171 -5.50 -2.76 -23.43
C LEU B 171 -5.86 -1.64 -22.46
N LYS B 172 -4.93 -0.75 -22.18
CA LYS B 172 -5.09 0.17 -21.06
C LYS B 172 -6.35 1.02 -21.14
N PRO B 173 -6.60 1.73 -22.27
CA PRO B 173 -7.86 2.49 -22.36
C PRO B 173 -9.10 1.65 -22.10
N LEU B 174 -9.12 0.41 -22.60
CA LEU B 174 -10.25 -0.51 -22.38
C LEU B 174 -10.40 -0.93 -20.94
N TYR B 175 -9.25 -1.24 -20.32
CA TYR B 175 -9.26 -1.71 -18.95
C TYR B 175 -9.84 -0.67 -17.99
N GLU B 176 -9.54 0.60 -18.24
CA GLU B 176 -10.07 1.70 -17.44
C GLU B 176 -11.60 1.75 -17.51
N ASP B 177 -12.15 1.63 -18.73
CA ASP B 177 -13.60 1.63 -18.90
C ASP B 177 -14.23 0.41 -18.28
N PHE B 178 -13.60 -0.74 -18.44
CA PHE B 178 -14.08 -1.98 -17.82
C PHE B 178 -14.21 -1.81 -16.32
N THR B 179 -13.15 -1.29 -15.71
CA THR B 179 -13.10 -1.17 -14.25
C THR B 179 -14.24 -0.32 -13.71
N ALA B 180 -14.46 0.82 -14.35
CA ALA B 180 -15.53 1.75 -14.00
C ALA B 180 -16.92 1.11 -14.11
N LEU B 181 -17.17 0.35 -15.18
CA LEU B 181 -18.50 -0.33 -15.34
C LEU B 181 -18.71 -1.48 -14.37
N SER B 182 -17.68 -2.30 -14.19
CA SER B 182 -17.76 -3.40 -13.26
C SER B 182 -18.14 -2.91 -11.86
N ASN B 183 -17.46 -1.84 -11.40
CA ASN B 183 -17.72 -1.28 -10.07
C ASN B 183 -19.15 -0.75 -9.96
N GLU B 184 -19.59 -0.03 -10.97
CA GLU B 184 -20.97 0.49 -11.01
C GLU B 184 -22.02 -0.64 -10.84
N ALA B 185 -21.74 -1.78 -11.46
CA ALA B 185 -22.64 -2.93 -11.39
C ALA B 185 -22.72 -3.52 -9.99
N TYR B 186 -21.57 -3.82 -9.41
CA TYR B 186 -21.56 -4.52 -8.13
C TYR B 186 -21.89 -3.61 -6.94
N LYS B 187 -21.75 -2.30 -7.14
CA LYS B 187 -22.23 -1.31 -6.16
C LYS B 187 -23.71 -1.47 -5.83
N GLN B 188 -24.50 -1.78 -6.85
CA GLN B 188 -25.94 -1.93 -6.69
C GLN B 188 -26.35 -3.26 -6.03
N ASP B 189 -25.40 -4.20 -5.90
CA ASP B 189 -25.57 -5.38 -5.04
C ASP B 189 -25.10 -5.19 -3.61
N GLY B 190 -24.63 -3.98 -3.25
CA GLY B 190 -24.20 -3.66 -1.89
C GLY B 190 -22.71 -3.75 -1.62
N PHE B 191 -21.91 -3.99 -2.65
CA PHE B 191 -20.45 -4.09 -2.51
C PHE B 191 -19.79 -2.74 -2.75
N THR B 192 -18.79 -2.37 -1.93
CA THR B 192 -18.01 -1.14 -2.16
C THR B 192 -17.38 -1.09 -3.55
N ASP B 193 -16.92 -2.25 -4.03
CA ASP B 193 -16.34 -2.36 -5.37
C ASP B 193 -16.27 -3.83 -5.79
N THR B 194 -15.92 -4.05 -7.04
CA THR B 194 -15.84 -5.42 -7.58
C THR B 194 -14.91 -6.35 -6.82
N GLY B 195 -13.78 -5.82 -6.37
CA GLY B 195 -12.85 -6.63 -5.60
C GLY B 195 -13.49 -7.17 -4.35
N ALA B 196 -14.32 -6.35 -3.71
CA ALA B 196 -15.01 -6.78 -2.50
C ALA B 196 -15.95 -7.94 -2.76
N TYR B 197 -16.66 -7.87 -3.88
CA TYR B 197 -17.47 -9.00 -4.35
C TYR B 197 -16.63 -10.28 -4.56
N TRP B 198 -15.54 -10.17 -5.30
CA TRP B 198 -14.65 -11.33 -5.54
C TRP B 198 -14.19 -11.97 -4.23
N ARG B 199 -13.74 -11.14 -3.30
CA ARG B 199 -13.25 -11.63 -2.00
C ARG B 199 -14.36 -12.28 -1.17
N SER B 200 -15.60 -11.83 -1.37
CA SER B 200 -16.74 -12.36 -0.61
C SER B 200 -16.98 -13.85 -0.85
N TRP B 201 -16.48 -14.39 -1.97
CA TRP B 201 -16.62 -15.82 -2.29
C TRP B 201 -16.03 -16.76 -1.26
N TYR B 202 -15.02 -16.30 -0.54
CA TYR B 202 -14.36 -17.11 0.45
C TYR B 202 -15.07 -17.02 1.82
N ASN B 203 -16.05 -16.13 1.96
CA ASN B 203 -16.85 -15.99 3.17
C ASN B 203 -16.02 -16.08 4.45
N SER B 204 -15.04 -15.18 4.53
CA SER B 204 -14.13 -15.10 5.65
C SER B 204 -13.87 -13.63 5.94
N PRO B 205 -14.35 -13.10 7.08
CA PRO B 205 -14.15 -11.66 7.34
C PRO B 205 -12.69 -11.30 7.62
N THR B 206 -11.86 -12.32 7.86
CA THR B 206 -10.43 -12.16 8.06
C THR B 206 -9.59 -12.61 6.81
N PHE B 207 -10.20 -12.67 5.63
CA PHE B 207 -9.57 -13.23 4.41
C PHE B 207 -8.21 -12.60 4.13
N GLU B 208 -8.15 -11.27 4.00
CA GLU B 208 -6.90 -10.60 3.66
C GLU B 208 -5.80 -10.82 4.69
N ASP B 209 -6.15 -10.72 5.98
CA ASP B 209 -5.18 -11.02 7.06
C ASP B 209 -4.68 -12.47 7.03
N ASP B 210 -5.59 -13.41 6.79
CA ASP B 210 -5.23 -14.84 6.71
C ASP B 210 -4.26 -15.12 5.57
N LEU B 211 -4.51 -14.50 4.41
CA LEU B 211 -3.60 -14.59 3.27
C LEU B 211 -2.23 -13.99 3.62
N GLU B 212 -2.25 -12.83 4.27
CA GLU B 212 -1.02 -12.14 4.69
C GLU B 212 -0.23 -13.01 5.66
N HIS B 213 -0.94 -13.66 6.59
CA HIS B 213 -0.31 -14.57 7.55
C HIS B 213 0.29 -15.81 6.87
N LEU B 214 -0.40 -16.35 5.86
CA LEU B 214 0.16 -17.47 5.09
C LEU B 214 1.41 -17.03 4.39
N TYR B 215 1.36 -15.88 3.70
CA TYR B 215 2.54 -15.41 2.95
C TYR B 215 3.78 -15.17 3.84
N GLN B 216 3.58 -14.66 5.05
CA GLN B 216 4.70 -14.50 6.01
C GLN B 216 5.47 -15.80 6.26
N GLN B 217 4.75 -16.91 6.40
CA GLN B 217 5.39 -18.21 6.64
C GLN B 217 6.11 -18.75 5.41
N LEU B 218 5.58 -18.42 4.24
CA LEU B 218 6.13 -18.89 2.96
C LEU B 218 7.30 -18.07 2.46
N GLU B 219 7.38 -16.79 2.85
CA GLU B 219 8.38 -15.87 2.26
C GLU B 219 9.85 -16.30 2.39
N PRO B 220 10.28 -16.82 3.57
CA PRO B 220 11.67 -17.26 3.68
C PRO B 220 12.02 -18.31 2.65
N LEU B 221 11.08 -19.20 2.36
CA LEU B 221 11.27 -20.21 1.32
C LEU B 221 11.55 -19.56 -0.02
N TYR B 222 10.72 -18.59 -0.38
CA TYR B 222 10.91 -17.86 -1.64
C TYR B 222 12.23 -17.06 -1.65
N LEU B 223 12.53 -16.36 -0.54
CA LEU B 223 13.76 -15.54 -0.51
C LEU B 223 15.02 -16.38 -0.75
N ASN B 224 15.06 -17.58 -0.18
CA ASN B 224 16.20 -18.49 -0.41
C ASN B 224 16.27 -19.07 -1.80
N LEU B 225 15.13 -19.52 -2.32
CA LEU B 225 15.05 -19.97 -3.70
C LEU B 225 15.53 -18.87 -4.64
N HIS B 226 14.99 -17.66 -4.43
CA HIS B 226 15.37 -16.46 -5.19
C HIS B 226 16.87 -16.20 -5.19
N ALA B 227 17.47 -16.25 -4.02
CA ALA B 227 18.90 -15.93 -3.86
C ALA B 227 19.73 -17.01 -4.56
N PHE B 228 19.34 -18.27 -4.38
CA PHE B 228 20.01 -19.43 -5.05
C PHE B 228 19.97 -19.32 -6.56
N VAL B 229 18.79 -18.98 -7.07
CA VAL B 229 18.62 -18.83 -8.51
C VAL B 229 19.35 -17.64 -9.04
N ARG B 230 19.28 -16.53 -8.31
CA ARG B 230 20.03 -15.34 -8.69
C ARG B 230 21.53 -15.62 -8.86
N ARG B 231 22.08 -16.44 -7.99
CA ARG B 231 23.52 -16.79 -8.07
C ARG B 231 23.82 -17.54 -9.35
N ALA B 232 22.98 -18.52 -9.69
CA ALA B 232 23.15 -19.29 -10.93
C ALA B 232 23.05 -18.38 -12.13
N LEU B 233 22.08 -17.46 -12.11
CA LEU B 233 21.95 -16.47 -13.17
C LEU B 233 23.14 -15.52 -13.29
N HIS B 234 23.74 -15.17 -12.15
CA HIS B 234 24.92 -14.29 -12.16
C HIS B 234 26.09 -14.97 -12.91
N ARG B 235 26.27 -16.26 -12.65
CA ARG B 235 27.28 -17.06 -13.36
C ARG B 235 27.13 -17.07 -14.89
N ARG B 236 25.88 -17.14 -15.36
CA ARG B 236 25.58 -17.25 -16.80
C ARG B 236 25.68 -15.93 -17.55
N TYR B 237 25.07 -14.88 -16.98
CA TYR B 237 24.88 -13.62 -17.69
C TYR B 237 25.90 -12.52 -17.33
N GLY B 238 26.57 -12.65 -16.19
CA GLY B 238 27.60 -11.71 -15.80
C GLY B 238 27.12 -10.59 -14.89
N ASP B 239 28.09 -9.90 -14.30
CA ASP B 239 27.87 -8.82 -13.33
C ASP B 239 27.14 -7.64 -13.97
N ARG B 240 27.33 -7.46 -15.27
CA ARG B 240 26.63 -6.44 -16.05
C ARG B 240 25.10 -6.53 -15.93
N TYR B 241 24.58 -7.74 -16.01
CA TYR B 241 23.14 -7.99 -16.12
C TYR B 241 22.48 -8.53 -14.87
N ILE B 242 23.27 -9.00 -13.91
CA ILE B 242 22.75 -9.55 -12.66
C ILE B 242 23.43 -8.84 -11.50
N ASN B 243 22.61 -8.33 -10.59
CA ASN B 243 23.04 -7.70 -9.36
C ASN B 243 22.72 -8.61 -8.19
N LEU B 244 23.76 -9.16 -7.54
CA LEU B 244 23.59 -10.14 -6.48
C LEU B 244 22.89 -9.60 -5.23
N ARG B 245 22.62 -8.29 -5.18
CA ARG B 245 21.87 -7.71 -4.08
C ARG B 245 20.69 -6.90 -4.59
N GLY B 246 20.27 -7.15 -5.84
CA GLY B 246 19.19 -6.41 -6.48
C GLY B 246 18.15 -7.35 -7.07
N PRO B 247 17.04 -6.79 -7.63
CA PRO B 247 16.04 -7.66 -8.24
C PRO B 247 16.55 -8.38 -9.47
N ILE B 248 16.01 -9.55 -9.74
CA ILE B 248 16.34 -10.33 -10.94
C ILE B 248 15.61 -9.71 -12.13
N PRO B 249 16.32 -9.45 -13.24
CA PRO B 249 15.61 -9.04 -14.46
C PRO B 249 14.46 -9.99 -14.83
N ALA B 250 13.26 -9.43 -15.10
CA ALA B 250 12.00 -10.22 -15.16
C ALA B 250 11.84 -11.23 -16.31
N HIS B 251 12.83 -11.32 -17.18
CA HIS B 251 12.79 -12.10 -18.43
C HIS B 251 13.71 -13.33 -18.41
N LEU B 252 14.35 -13.59 -17.28
CA LEU B 252 15.43 -14.60 -17.20
C LEU B 252 15.04 -15.87 -16.45
N LEU B 253 13.76 -16.01 -16.09
CA LEU B 253 13.32 -17.06 -15.18
C LEU B 253 12.49 -18.18 -15.84
N GLY B 254 12.47 -18.19 -17.16
CA GLY B 254 11.94 -19.32 -17.93
C GLY B 254 10.53 -19.12 -18.45
N ASP B 255 9.90 -18.01 -18.05
CA ASP B 255 8.48 -17.80 -18.21
C ASP B 255 8.21 -16.31 -18.44
N MET B 256 7.27 -15.97 -19.32
CA MET B 256 6.97 -14.57 -19.66
C MET B 256 6.63 -13.70 -18.43
N TRP B 257 6.01 -14.29 -17.40
CA TRP B 257 5.61 -13.55 -16.19
C TRP B 257 6.52 -13.86 -15.00
N ALA B 258 7.59 -14.61 -15.23
CA ALA B 258 8.50 -15.04 -14.16
C ALA B 258 7.71 -15.74 -13.03
N GLN B 259 6.60 -16.39 -13.40
CA GLN B 259 5.65 -16.90 -12.42
C GLN B 259 5.97 -18.32 -11.98
N SER B 260 6.71 -19.05 -12.82
CA SER B 260 7.03 -20.42 -12.60
C SER B 260 8.41 -20.59 -13.21
N TRP B 261 9.35 -21.16 -12.44
CA TRP B 261 10.75 -21.14 -12.84
C TRP B 261 11.28 -22.50 -13.29
N GLU B 262 10.41 -23.48 -13.47
CA GLU B 262 10.86 -24.84 -13.82
C GLU B 262 11.70 -24.92 -15.12
N ASN B 263 11.47 -24.01 -16.06
CA ASN B 263 12.21 -24.02 -17.32
C ASN B 263 13.68 -23.65 -17.23
N ILE B 264 14.14 -23.10 -16.10
CA ILE B 264 15.57 -22.88 -15.92
C ILE B 264 16.18 -23.90 -14.96
N TYR B 265 15.48 -25.00 -14.72
CA TYR B 265 15.98 -26.09 -13.90
C TYR B 265 17.37 -26.57 -14.36
N ASP B 266 17.57 -26.69 -15.66
CA ASP B 266 18.88 -27.16 -16.19
C ASP B 266 20.04 -26.19 -15.89
N MET B 267 19.74 -24.88 -15.81
CA MET B 267 20.74 -23.87 -15.42
C MET B 267 21.09 -23.95 -13.95
N VAL B 268 20.13 -24.34 -13.09
CA VAL B 268 20.33 -24.33 -11.65
C VAL B 268 20.40 -25.71 -11.00
N VAL B 269 20.21 -26.77 -11.78
CA VAL B 269 20.34 -28.13 -11.25
C VAL B 269 21.76 -28.34 -10.68
N PRO B 270 21.87 -28.60 -9.36
CA PRO B 270 23.21 -28.80 -8.77
C PRO B 270 24.00 -30.03 -9.30
N PHE B 271 23.29 -31.10 -9.65
CA PHE B 271 23.92 -32.38 -9.92
C PHE B 271 23.52 -32.88 -11.30
N PRO B 272 24.04 -32.23 -12.36
CA PRO B 272 23.59 -32.54 -13.73
C PRO B 272 24.05 -33.90 -14.28
N ASP B 273 24.96 -34.58 -13.57
CA ASP B 273 25.30 -36.00 -13.82
C ASP B 273 24.16 -36.99 -13.52
N LYS B 274 23.29 -36.65 -12.57
CA LYS B 274 22.18 -37.52 -12.16
C LYS B 274 21.09 -37.50 -13.22
N PRO B 275 20.16 -38.47 -13.20
CA PRO B 275 19.10 -38.54 -14.22
C PRO B 275 18.33 -37.22 -14.39
N ASN B 276 18.03 -36.85 -15.64
CA ASN B 276 17.28 -35.64 -15.91
C ASN B 276 15.80 -35.84 -15.49
N LEU B 277 15.41 -35.18 -14.40
CA LEU B 277 14.05 -35.26 -13.86
C LEU B 277 13.01 -34.46 -14.66
N ASP B 278 13.48 -33.66 -15.61
CA ASP B 278 12.61 -33.10 -16.64
C ASP B 278 12.53 -34.12 -17.75
N VAL B 279 11.36 -34.74 -17.88
CA VAL B 279 11.16 -35.83 -18.86
C VAL B 279 10.75 -35.36 -20.25
N THR B 280 10.80 -34.05 -20.52
CA THR B 280 10.39 -33.52 -21.81
C THR B 280 11.10 -34.22 -22.95
N SER B 281 12.44 -34.30 -22.91
CA SER B 281 13.18 -34.92 -24.02
C SER B 281 12.78 -36.37 -24.26
N THR B 282 12.48 -37.12 -23.20
CA THR B 282 11.96 -38.49 -23.31
C THR B 282 10.52 -38.57 -23.88
N MET B 283 9.64 -37.64 -23.49
CA MET B 283 8.32 -37.58 -24.09
C MET B 283 8.42 -37.36 -25.60
N LEU B 284 9.33 -36.46 -26.02
CA LEU B 284 9.57 -36.21 -27.44
C LEU B 284 10.24 -37.42 -28.09
N GLN B 285 11.32 -37.91 -27.48
CA GLN B 285 12.00 -39.11 -27.97
C GLN B 285 11.02 -40.27 -28.20
N GLN B 286 10.08 -40.47 -27.27
CA GLN B 286 9.04 -41.53 -27.40
C GLN B 286 7.83 -41.20 -28.28
N GLY B 287 7.71 -39.97 -28.79
CA GLY B 287 6.61 -39.63 -29.69
C GLY B 287 5.27 -39.35 -29.03
N TRP B 288 5.29 -38.84 -27.80
CA TRP B 288 4.03 -38.47 -27.15
C TRP B 288 3.36 -37.33 -27.92
N GLN B 289 2.03 -37.31 -27.89
CA GLN B 289 1.23 -36.28 -28.54
C GLN B 289 0.16 -35.87 -27.55
N ALA B 290 -0.57 -34.82 -27.88
CA ALA B 290 -1.61 -34.29 -27.00
C ALA B 290 -2.57 -35.40 -26.58
N THR B 291 -2.97 -36.25 -27.52
CA THR B 291 -3.93 -37.31 -27.19
C THR B 291 -3.41 -38.28 -26.10
N HIS B 292 -2.14 -38.66 -26.18
CA HIS B 292 -1.54 -39.54 -25.17
C HIS B 292 -1.54 -38.86 -23.81
N MET B 293 -1.24 -37.56 -23.81
CA MET B 293 -1.14 -36.81 -22.56
C MET B 293 -2.52 -36.79 -21.86
N PHE B 294 -3.56 -36.46 -22.63
CA PHE B 294 -4.93 -36.50 -22.08
C PHE B 294 -5.41 -37.89 -21.64
N ARG B 295 -5.05 -38.94 -22.38
CA ARG B 295 -5.42 -40.33 -22.01
C ARG B 295 -4.69 -40.80 -20.78
N VAL B 296 -3.42 -40.42 -20.67
CA VAL B 296 -2.63 -40.76 -19.49
C VAL B 296 -3.18 -40.03 -18.25
N ALA B 297 -3.56 -38.76 -18.39
CA ALA B 297 -4.17 -38.04 -17.28
C ALA B 297 -5.51 -38.67 -16.88
N GLU B 298 -6.34 -38.97 -17.86
CA GLU B 298 -7.63 -39.65 -17.62
C GLU B 298 -7.47 -40.93 -16.81
N GLU B 299 -6.48 -41.73 -17.16
CA GLU B 299 -6.28 -43.00 -16.51
C GLU B 299 -5.86 -42.88 -15.06
N PHE B 300 -5.19 -41.78 -14.70
CA PHE B 300 -4.92 -41.51 -13.29
C PHE B 300 -6.24 -41.31 -12.56
N PHE B 301 -7.14 -40.53 -13.14
CA PHE B 301 -8.46 -40.30 -12.53
C PHE B 301 -9.26 -41.59 -12.39
N THR B 302 -9.27 -42.43 -13.43
CA THR B 302 -9.98 -43.69 -13.36
C THR B 302 -9.29 -44.69 -12.40
N SER B 303 -7.97 -44.55 -12.20
CA SER B 303 -7.25 -45.40 -11.22
C SER B 303 -7.74 -45.16 -9.79
N LEU B 304 -8.24 -43.95 -9.54
CA LEU B 304 -8.81 -43.56 -8.26
C LEU B 304 -10.31 -43.84 -8.17
N GLU B 305 -10.86 -44.53 -9.19
CA GLU B 305 -12.30 -44.73 -9.39
C GLU B 305 -13.09 -43.43 -9.50
N LEU B 306 -12.45 -42.39 -10.02
CA LEU B 306 -13.18 -41.20 -10.43
C LEU B 306 -13.60 -41.42 -11.90
N SER B 307 -14.40 -40.50 -12.44
CA SER B 307 -15.00 -40.72 -13.75
C SER B 307 -14.01 -40.55 -14.91
N PRO B 308 -14.19 -41.36 -15.98
CA PRO B 308 -13.46 -41.11 -17.22
C PRO B 308 -14.07 -39.90 -17.94
N MET B 309 -13.39 -39.43 -18.98
CA MET B 309 -13.92 -38.33 -19.78
C MET B 309 -15.00 -38.89 -20.69
N PRO B 310 -16.20 -38.26 -20.74
CA PRO B 310 -17.27 -38.82 -21.58
C PRO B 310 -17.02 -38.60 -23.07
N PRO B 311 -17.74 -39.32 -23.96
CA PRO B 311 -17.59 -39.14 -25.39
C PRO B 311 -17.72 -37.70 -25.87
N GLU B 312 -18.63 -36.95 -25.26
CA GLU B 312 -18.83 -35.55 -25.62
C GLU B 312 -17.58 -34.71 -25.40
N PHE B 313 -16.78 -35.07 -24.40
CA PHE B 313 -15.47 -34.44 -24.14
C PHE B 313 -14.51 -34.65 -25.30
N TRP B 314 -14.36 -35.91 -25.74
CA TRP B 314 -13.39 -36.21 -26.80
C TRP B 314 -13.85 -35.67 -28.14
N GLU B 315 -15.15 -35.71 -28.40
CA GLU B 315 -15.67 -35.21 -29.68
C GLU B 315 -15.61 -33.70 -29.73
N GLY B 316 -15.81 -33.03 -28.60
CA GLY B 316 -15.98 -31.56 -28.56
C GLY B 316 -14.73 -30.74 -28.26
N SER B 317 -13.78 -31.32 -27.53
CA SER B 317 -12.63 -30.56 -27.01
C SER B 317 -11.69 -30.13 -28.12
N MET B 318 -10.94 -29.05 -27.88
CA MET B 318 -9.88 -28.60 -28.77
C MET B 318 -8.57 -28.85 -28.02
N LEU B 319 -7.85 -29.89 -28.43
CA LEU B 319 -6.69 -30.37 -27.70
C LEU B 319 -5.36 -29.93 -28.30
N GLU B 320 -5.37 -29.30 -29.48
CA GLU B 320 -4.16 -28.74 -30.06
C GLU B 320 -4.50 -27.40 -30.68
N LYS B 321 -3.49 -26.56 -30.88
CA LYS B 321 -3.69 -25.31 -31.60
C LYS B 321 -4.14 -25.63 -33.05
N PRO B 322 -5.29 -25.08 -33.50
CA PRO B 322 -5.75 -25.41 -34.87
C PRO B 322 -4.72 -25.04 -35.94
N ALA B 323 -4.46 -25.97 -36.86
CA ALA B 323 -3.44 -25.79 -37.91
C ALA B 323 -3.96 -25.02 -39.13
N ASP B 324 -5.26 -24.70 -39.17
CA ASP B 324 -5.85 -23.89 -40.23
C ASP B 324 -5.60 -22.38 -40.08
N GLY B 325 -4.74 -21.97 -39.14
CA GLY B 325 -4.44 -20.55 -38.91
C GLY B 325 -5.62 -19.75 -38.38
N ARG B 326 -6.56 -20.43 -37.72
CA ARG B 326 -7.67 -19.77 -37.03
C ARG B 326 -7.06 -18.96 -35.90
N GLU B 327 -7.77 -17.95 -35.46
CA GLU B 327 -7.36 -17.23 -34.29
C GLU B 327 -8.10 -17.90 -33.13
N VAL B 328 -7.35 -18.31 -32.10
CA VAL B 328 -7.95 -18.92 -30.91
C VAL B 328 -7.36 -18.31 -29.63
N VAL B 329 -8.09 -18.48 -28.54
CA VAL B 329 -7.58 -18.19 -27.21
C VAL B 329 -6.84 -19.44 -26.81
N CYS B 330 -5.51 -19.35 -26.76
CA CYS B 330 -4.71 -20.53 -26.46
C CYS B 330 -4.60 -20.82 -24.99
N HIS B 331 -4.80 -19.82 -24.14
CA HIS B 331 -4.71 -20.03 -22.69
C HIS B 331 -5.61 -21.20 -22.30
N ALA B 332 -5.05 -22.20 -21.62
CA ALA B 332 -5.77 -23.45 -21.35
C ALA B 332 -6.98 -23.20 -20.48
N SER B 333 -8.08 -23.89 -20.78
CA SER B 333 -9.32 -23.75 -19.98
C SER B 333 -10.25 -24.95 -20.13
N ALA B 334 -11.11 -25.10 -19.13
CA ALA B 334 -12.00 -26.24 -18.96
C ALA B 334 -13.41 -25.72 -18.80
N TRP B 335 -14.34 -26.33 -19.54
CA TRP B 335 -15.65 -25.74 -19.83
C TRP B 335 -16.79 -26.66 -19.39
N ASP B 336 -17.70 -26.10 -18.59
CA ASP B 336 -18.95 -26.74 -18.17
C ASP B 336 -20.07 -26.02 -18.92
N PHE B 337 -20.83 -26.78 -19.70
CA PHE B 337 -21.91 -26.21 -20.49
C PHE B 337 -23.24 -26.19 -19.72
N TYR B 338 -23.24 -26.58 -18.45
CA TYR B 338 -24.45 -26.56 -17.59
C TYR B 338 -25.67 -27.33 -18.15
N ASN B 339 -25.41 -28.37 -18.96
CA ASN B 339 -26.43 -29.32 -19.43
C ASN B 339 -26.20 -30.76 -18.91
N ARG B 340 -25.27 -30.93 -17.97
CA ARG B 340 -24.93 -32.25 -17.39
C ARG B 340 -24.36 -33.28 -18.39
N LYS B 341 -24.03 -32.84 -19.61
CA LYS B 341 -23.64 -33.73 -20.72
C LYS B 341 -22.34 -33.28 -21.39
N ASP B 342 -22.27 -32.02 -21.82
CA ASP B 342 -21.11 -31.47 -22.52
C ASP B 342 -20.08 -30.83 -21.56
N PHE B 343 -18.84 -31.32 -21.64
CA PHE B 343 -17.71 -30.83 -20.85
C PHE B 343 -16.49 -30.87 -21.78
N ARG B 344 -15.70 -29.79 -21.82
CA ARG B 344 -14.59 -29.70 -22.78
C ARG B 344 -13.39 -28.95 -22.26
N ILE B 345 -12.22 -29.34 -22.78
CA ILE B 345 -11.00 -28.57 -22.59
C ILE B 345 -10.59 -27.92 -23.93
N LYS B 346 -10.07 -26.71 -23.83
CA LYS B 346 -9.55 -25.94 -24.95
C LYS B 346 -8.11 -25.62 -24.58
N GLN B 347 -7.14 -26.32 -25.19
CA GLN B 347 -5.72 -26.15 -24.81
C GLN B 347 -4.86 -26.26 -26.05
N CYS B 348 -3.93 -25.32 -26.24
CA CYS B 348 -2.98 -25.38 -27.34
C CYS B 348 -1.79 -26.25 -26.91
N THR B 349 -2.06 -27.54 -26.77
CA THR B 349 -1.17 -28.46 -26.04
C THR B 349 0.16 -28.66 -26.75
N ARG B 350 1.26 -28.52 -26.03
CA ARG B 350 2.61 -28.76 -26.51
C ARG B 350 3.14 -29.95 -25.73
N VAL B 351 4.05 -30.71 -26.33
CA VAL B 351 4.57 -31.92 -25.69
C VAL B 351 5.77 -31.57 -24.79
N THR B 352 5.45 -31.18 -23.55
CA THR B 352 6.43 -30.95 -22.51
C THR B 352 5.91 -31.48 -21.19
N MET B 353 6.82 -31.60 -20.22
CA MET B 353 6.49 -32.10 -18.90
C MET B 353 5.55 -31.12 -18.17
N ASP B 354 5.82 -29.83 -18.27
CA ASP B 354 4.93 -28.86 -17.62
CA ASP B 354 4.94 -28.83 -17.63
C ASP B 354 3.54 -28.81 -18.29
N GLN B 355 3.49 -29.09 -19.59
CA GLN B 355 2.20 -29.20 -20.26
C GLN B 355 1.41 -30.41 -19.79
N LEU B 356 2.11 -31.51 -19.50
CA LEU B 356 1.46 -32.68 -18.91
C LEU B 356 0.83 -32.32 -17.55
N SER B 357 1.54 -31.52 -16.76
CA SER B 357 0.92 -31.00 -15.52
C SER B 357 -0.32 -30.16 -15.79
N THR B 358 -0.25 -29.28 -16.78
CA THR B 358 -1.37 -28.42 -17.17
C THR B 358 -2.56 -29.25 -17.65
N VAL B 359 -2.30 -30.32 -18.40
CA VAL B 359 -3.36 -31.26 -18.80
C VAL B 359 -4.08 -31.82 -17.57
N HIS B 360 -3.32 -32.19 -16.53
CA HIS B 360 -3.94 -32.66 -15.29
C HIS B 360 -4.73 -31.55 -14.62
N HIS B 361 -4.16 -30.35 -14.60
CA HIS B 361 -4.83 -29.16 -14.02
C HIS B 361 -6.22 -28.95 -14.66
N GLU B 362 -6.25 -28.91 -15.98
CA GLU B 362 -7.51 -28.73 -16.69
C GLU B 362 -8.47 -29.90 -16.51
N MET B 363 -7.94 -31.13 -16.52
CA MET B 363 -8.82 -32.28 -16.32
C MET B 363 -9.37 -32.36 -14.89
N GLY B 364 -8.63 -31.81 -13.92
CA GLY B 364 -9.14 -31.62 -12.57
C GLY B 364 -10.41 -30.79 -12.51
N HIS B 365 -10.46 -29.69 -13.28
CA HIS B 365 -11.69 -28.89 -13.45
C HIS B 365 -12.84 -29.71 -14.00
N ILE B 366 -12.55 -30.51 -15.03
CA ILE B 366 -13.56 -31.36 -15.68
C ILE B 366 -14.10 -32.38 -14.68
N GLN B 367 -13.21 -33.06 -13.98
CA GLN B 367 -13.61 -34.04 -12.99
C GLN B 367 -14.59 -33.43 -11.95
N TYR B 368 -14.28 -32.23 -11.47
CA TYR B 368 -15.20 -31.48 -10.61
C TYR B 368 -16.59 -31.35 -11.23
N TYR B 369 -16.60 -30.89 -12.49
CA TYR B 369 -17.85 -30.72 -13.23
C TYR B 369 -18.67 -32.01 -13.28
N LEU B 370 -18.00 -33.13 -13.60
CA LEU B 370 -18.66 -34.43 -13.70
C LEU B 370 -19.22 -34.90 -12.36
N GLN B 371 -18.53 -34.56 -11.26
CA GLN B 371 -18.91 -35.06 -9.95
C GLN B 371 -20.07 -34.26 -9.36
N TYR B 372 -20.14 -32.96 -9.65
CA TYR B 372 -21.22 -32.13 -9.10
C TYR B 372 -22.32 -31.79 -10.11
N LYS B 373 -22.36 -32.52 -11.23
CA LYS B 373 -23.28 -32.20 -12.33
C LYS B 373 -24.76 -32.33 -11.99
N ASP B 374 -25.09 -33.05 -10.91
CA ASP B 374 -26.48 -33.25 -10.49
C ASP B 374 -26.88 -32.42 -9.26
N LEU B 375 -25.99 -31.55 -8.79
CA LEU B 375 -26.39 -30.46 -7.91
C LEU B 375 -27.21 -29.43 -8.71
N PRO B 376 -28.04 -28.61 -8.04
CA PRO B 376 -28.66 -27.47 -8.73
C PRO B 376 -27.62 -26.44 -9.18
N VAL B 377 -27.85 -25.79 -10.33
CA VAL B 377 -26.81 -24.98 -10.99
C VAL B 377 -25.98 -24.03 -10.12
N SER B 378 -26.62 -23.37 -9.16
CA SER B 378 -25.96 -22.38 -8.30
C SER B 378 -24.91 -23.00 -7.39
N LEU B 379 -24.97 -24.33 -7.21
CA LEU B 379 -24.02 -25.04 -6.38
C LEU B 379 -22.96 -25.78 -7.22
N ARG B 380 -22.97 -25.60 -8.54
CA ARG B 380 -21.98 -26.23 -9.42
C ARG B 380 -20.77 -25.33 -9.56
N ARG B 381 -20.02 -25.28 -8.46
CA ARG B 381 -18.84 -24.46 -8.31
C ARG B 381 -18.00 -25.19 -7.31
N GLY B 382 -16.73 -24.78 -7.14
CA GLY B 382 -15.86 -25.38 -6.14
C GLY B 382 -16.32 -24.94 -4.76
N ALA B 383 -15.92 -25.66 -3.69
CA ALA B 383 -16.21 -25.21 -2.33
C ALA B 383 -15.78 -23.73 -2.15
N ASN B 384 -14.63 -23.39 -2.74
CA ASN B 384 -14.32 -22.02 -3.16
C ASN B 384 -13.50 -22.10 -4.48
N PRO B 385 -13.24 -20.96 -5.16
CA PRO B 385 -12.53 -21.09 -6.43
C PRO B 385 -11.11 -21.69 -6.35
N GLY B 386 -10.46 -21.56 -5.20
CA GLY B 386 -9.18 -22.23 -4.93
C GLY B 386 -9.26 -23.76 -4.96
N PHE B 387 -10.37 -24.32 -4.50
CA PHE B 387 -10.58 -25.78 -4.56
C PHE B 387 -10.52 -26.26 -6.00
N HIS B 388 -11.19 -25.52 -6.88
CA HIS B 388 -11.32 -25.89 -8.27
C HIS B 388 -9.95 -25.94 -8.96
N GLU B 389 -9.11 -24.95 -8.67
CA GLU B 389 -7.76 -24.88 -9.22
C GLU B 389 -6.80 -25.91 -8.65
N ALA B 390 -7.09 -26.40 -7.45
CA ALA B 390 -6.20 -27.35 -6.77
C ALA B 390 -6.34 -28.80 -7.23
N ILE B 391 -7.52 -29.20 -7.75
CA ILE B 391 -7.87 -30.62 -7.89
C ILE B 391 -6.86 -31.35 -8.78
N GLY B 392 -6.68 -30.85 -10.00
CA GLY B 392 -5.71 -31.43 -10.95
C GLY B 392 -4.26 -31.33 -10.51
N ASP B 393 -3.91 -30.24 -9.82
CA ASP B 393 -2.56 -30.04 -9.33
C ASP B 393 -2.20 -31.12 -8.31
N VAL B 394 -3.18 -31.58 -7.54
CA VAL B 394 -2.94 -32.61 -6.54
C VAL B 394 -2.50 -33.90 -7.21
N LEU B 395 -3.25 -34.35 -8.20
CA LEU B 395 -2.84 -35.53 -8.97
C LEU B 395 -1.49 -35.33 -9.66
N ALA B 396 -1.24 -34.14 -10.22
CA ALA B 396 0.07 -33.86 -10.83
C ALA B 396 1.25 -34.00 -9.85
N LEU B 397 1.04 -33.68 -8.58
CA LEU B 397 2.07 -33.85 -7.54
C LEU B 397 2.48 -35.33 -7.49
N SER B 398 1.50 -36.23 -7.55
CA SER B 398 1.80 -37.68 -7.63
C SER B 398 2.47 -38.08 -8.93
N VAL B 399 2.01 -37.54 -10.06
CA VAL B 399 2.57 -37.86 -11.39
C VAL B 399 4.05 -37.52 -11.53
N SER B 400 4.41 -36.36 -10.99
CA SER B 400 5.76 -35.81 -11.05
C SER B 400 6.84 -36.60 -10.32
N THR B 401 6.44 -37.45 -9.37
CA THR B 401 7.43 -38.21 -8.57
C THR B 401 8.26 -39.11 -9.48
N PRO B 402 9.57 -39.22 -9.20
CA PRO B 402 10.37 -40.12 -10.02
C PRO B 402 9.84 -41.57 -10.09
N GLU B 403 9.26 -42.07 -8.99
CA GLU B 403 8.70 -43.43 -8.98
C GLU B 403 7.47 -43.52 -9.89
N HIS B 404 6.59 -42.52 -9.87
CA HIS B 404 5.49 -42.51 -10.85
C HIS B 404 5.95 -42.37 -12.28
N LEU B 405 6.90 -41.48 -12.56
CA LEU B 405 7.40 -41.28 -13.91
C LEU B 405 8.01 -42.59 -14.44
N HIS B 406 8.65 -43.35 -13.54
CA HIS B 406 9.14 -44.69 -13.87
C HIS B 406 8.00 -45.67 -14.23
N LYS B 407 6.93 -45.67 -13.44
CA LYS B 407 5.76 -46.52 -13.72
C LYS B 407 5.21 -46.28 -15.12
N ILE B 408 5.19 -45.02 -15.57
CA ILE B 408 4.61 -44.68 -16.88
C ILE B 408 5.66 -44.56 -17.99
N GLY B 409 6.86 -45.10 -17.76
CA GLY B 409 7.88 -45.29 -18.80
C GLY B 409 8.68 -44.07 -19.22
N LEU B 410 8.65 -43.01 -18.42
CA LEU B 410 9.29 -41.74 -18.74
C LEU B 410 10.63 -41.48 -18.01
N LEU B 411 11.06 -42.42 -17.18
CA LEU B 411 12.29 -42.24 -16.39
C LEU B 411 12.83 -43.57 -15.93
N ASP B 412 14.14 -43.77 -16.02
CA ASP B 412 14.78 -44.91 -15.36
C ASP B 412 14.65 -44.77 -13.83
N ARG B 413 14.58 -45.90 -13.13
CA ARG B 413 14.43 -45.91 -11.68
C ARG B 413 15.60 -45.16 -11.01
N VAL B 414 15.31 -44.15 -10.20
CA VAL B 414 16.35 -43.38 -9.52
C VAL B 414 16.74 -44.05 -8.20
N THR B 415 18.03 -43.99 -7.86
CA THR B 415 18.48 -44.51 -6.58
C THR B 415 17.97 -43.53 -5.52
N ASN B 416 17.31 -44.08 -4.50
CA ASN B 416 16.66 -43.28 -3.46
C ASN B 416 17.71 -42.75 -2.46
N ASP B 417 18.46 -41.74 -2.90
CA ASP B 417 19.54 -41.16 -2.10
C ASP B 417 19.27 -39.65 -1.85
N THR B 418 20.31 -38.86 -1.59
CA THR B 418 20.16 -37.47 -1.13
C THR B 418 20.28 -36.45 -2.28
N GLU B 419 21.24 -36.65 -3.19
CA GLU B 419 21.38 -35.79 -4.37
C GLU B 419 20.15 -35.84 -5.28
N SER B 420 19.54 -37.02 -5.40
CA SER B 420 18.30 -37.23 -6.15
C SER B 420 17.11 -36.53 -5.51
N ASP B 421 16.99 -36.66 -4.19
CA ASP B 421 15.93 -36.02 -3.44
C ASP B 421 15.99 -34.49 -3.57
N ILE B 422 17.18 -33.92 -3.41
CA ILE B 422 17.39 -32.46 -3.54
C ILE B 422 17.13 -31.96 -4.97
N ASN B 423 17.60 -32.72 -5.95
CA ASN B 423 17.29 -32.43 -7.34
C ASN B 423 15.76 -32.34 -7.56
N TYR B 424 15.03 -33.31 -7.04
CA TYR B 424 13.57 -33.37 -7.23
C TYR B 424 12.91 -32.17 -6.55
N LEU B 425 13.18 -32.02 -5.26
CA LEU B 425 12.54 -30.94 -4.49
C LEU B 425 12.85 -29.52 -4.98
N LEU B 426 14.05 -29.33 -5.55
CA LEU B 426 14.40 -28.05 -6.15
C LEU B 426 13.57 -27.79 -7.41
N LYS B 427 13.45 -28.81 -8.26
CA LYS B 427 12.60 -28.70 -9.44
C LYS B 427 11.16 -28.34 -9.06
N MET B 428 10.63 -28.98 -8.04
CA MET B 428 9.27 -28.74 -7.55
C MET B 428 9.15 -27.36 -6.91
N ALA B 429 10.23 -26.89 -6.26
CA ALA B 429 10.23 -25.53 -5.70
C ALA B 429 10.17 -24.47 -6.80
N LEU B 430 10.91 -24.71 -7.89
CA LEU B 430 10.91 -23.82 -9.03
C LEU B 430 9.48 -23.62 -9.59
N GLU B 431 8.69 -24.67 -9.55
CA GLU B 431 7.32 -24.66 -10.03
C GLU B 431 6.34 -24.05 -9.01
N LYS B 432 6.44 -24.49 -7.75
CA LYS B 432 5.44 -24.22 -6.72
C LYS B 432 5.78 -23.05 -5.79
N ILE B 433 7.02 -23.00 -5.30
CA ILE B 433 7.45 -21.91 -4.41
C ILE B 433 7.61 -20.58 -5.18
N ALA B 434 8.21 -20.63 -6.35
CA ALA B 434 8.43 -19.41 -7.12
C ALA B 434 7.11 -18.71 -7.49
N PHE B 435 6.05 -19.49 -7.68
CA PHE B 435 4.73 -18.97 -8.00
C PHE B 435 4.10 -18.15 -6.89
N LEU B 436 4.37 -18.53 -5.64
CA LEU B 436 3.66 -17.97 -4.49
C LEU B 436 3.56 -16.43 -4.46
N PRO B 437 4.69 -15.70 -4.62
CA PRO B 437 4.59 -14.23 -4.66
C PRO B 437 3.69 -13.70 -5.78
N PHE B 438 3.76 -14.33 -6.95
CA PHE B 438 2.93 -13.90 -8.09
C PHE B 438 1.46 -14.19 -7.84
N GLY B 439 1.17 -15.41 -7.39
CA GLY B 439 -0.17 -15.81 -7.01
C GLY B 439 -0.80 -14.85 -6.04
N TYR B 440 0.02 -14.31 -5.13
CA TYR B 440 -0.50 -13.40 -4.10
C TYR B 440 -0.70 -11.97 -4.64
N LEU B 441 0.26 -11.46 -5.45
CA LEU B 441 0.30 -10.04 -5.80
C LEU B 441 -0.71 -9.58 -6.86
N VAL B 442 -1.10 -10.47 -7.78
CA VAL B 442 -1.89 -10.06 -8.94
C VAL B 442 -3.21 -9.41 -8.50
N ASP B 443 -3.93 -10.07 -7.59
CA ASP B 443 -5.16 -9.47 -7.07
C ASP B 443 -4.93 -8.40 -6.03
N GLN B 444 -3.76 -8.34 -5.40
CA GLN B 444 -3.42 -7.12 -4.66
C GLN B 444 -3.44 -5.93 -5.60
N TRP B 445 -2.81 -6.06 -6.77
CA TRP B 445 -2.86 -5.01 -7.77
C TRP B 445 -4.32 -4.69 -8.18
N ARG B 446 -5.07 -5.74 -8.52
CA ARG B 446 -6.41 -5.56 -9.06
C ARG B 446 -7.39 -5.03 -8.01
N TRP B 447 -7.27 -5.50 -6.77
CA TRP B 447 -8.11 -4.98 -5.66
C TRP B 447 -7.85 -3.48 -5.47
N GLY B 448 -6.61 -3.05 -5.64
CA GLY B 448 -6.28 -1.64 -5.57
C GLY B 448 -6.87 -0.81 -6.70
N VAL B 449 -6.89 -1.40 -7.88
CA VAL B 449 -7.49 -0.76 -9.01
C VAL B 449 -9.01 -0.65 -8.81
N PHE B 450 -9.66 -1.75 -8.41
CA PHE B 450 -11.11 -1.70 -8.19
C PHE B 450 -11.50 -0.70 -7.10
N SER B 451 -10.69 -0.60 -6.04
CA SER B 451 -10.98 0.33 -4.93
C SER B 451 -10.75 1.81 -5.27
N GLY B 452 -10.01 2.09 -6.35
CA GLY B 452 -9.61 3.46 -6.67
C GLY B 452 -8.30 3.88 -6.02
N ARG B 453 -7.70 3.04 -5.19
CA ARG B 453 -6.37 3.32 -4.63
C ARG B 453 -5.33 3.44 -5.74
N THR B 454 -5.49 2.66 -6.80
CA THR B 454 -4.64 2.67 -7.99
C THR B 454 -5.43 3.18 -9.18
N PRO B 455 -5.35 4.51 -9.44
CA PRO B 455 -6.02 5.03 -10.63
C PRO B 455 -5.20 4.74 -11.87
N PRO B 456 -5.79 4.97 -13.08
CA PRO B 456 -5.05 4.79 -14.34
C PRO B 456 -3.64 5.40 -14.34
N SER B 457 -3.49 6.58 -13.74
CA SER B 457 -2.21 7.24 -13.64
C SER B 457 -1.13 6.48 -12.85
N ARG B 458 -1.49 5.42 -12.11
CA ARG B 458 -0.52 4.59 -11.37
C ARG B 458 -0.62 3.07 -11.65
N TYR B 459 -1.30 2.67 -12.72
CA TYR B 459 -1.40 1.22 -13.04
C TYR B 459 -0.04 0.53 -13.09
N ASN B 460 0.92 1.14 -13.77
CA ASN B 460 2.21 0.44 -13.98
C ASN B 460 3.15 0.63 -12.79
N PHE B 461 3.13 1.84 -12.21
CA PHE B 461 3.88 2.14 -11.00
C PHE B 461 3.53 1.14 -9.87
N ASP B 462 2.25 0.93 -9.62
CA ASP B 462 1.81 0.02 -8.59
C ASP B 462 2.01 -1.46 -8.96
N TRP B 463 1.83 -1.80 -10.24
CA TRP B 463 2.20 -3.15 -10.71
C TRP B 463 3.66 -3.47 -10.36
N TRP B 464 4.56 -2.59 -10.76
CA TRP B 464 6.00 -2.86 -10.53
C TRP B 464 6.41 -2.71 -9.09
N TYR B 465 5.73 -1.84 -8.33
CA TYR B 465 5.88 -1.83 -6.87
C TYR B 465 5.65 -3.24 -6.30
N LEU B 466 4.54 -3.86 -6.68
CA LEU B 466 4.15 -5.16 -6.16
C LEU B 466 5.04 -6.28 -6.69
N ARG B 467 5.38 -6.19 -7.96
CA ARG B 467 6.29 -7.18 -8.57
C ARG B 467 7.66 -7.21 -7.88
N THR B 468 8.21 -6.03 -7.63
CA THR B 468 9.48 -5.93 -6.95
C THR B 468 9.33 -6.34 -5.47
N LYS B 469 8.32 -5.79 -4.77
CA LYS B 469 8.08 -6.12 -3.39
C LYS B 469 8.01 -7.62 -3.16
N TYR B 470 7.23 -8.33 -3.96
CA TYR B 470 6.96 -9.75 -3.72
C TYR B 470 7.91 -10.68 -4.49
N GLN B 471 8.05 -10.49 -5.78
CA GLN B 471 8.89 -11.41 -6.58
C GLN B 471 10.37 -11.05 -6.60
N GLY B 472 10.72 -9.81 -6.25
CA GLY B 472 12.11 -9.37 -6.35
C GLY B 472 12.64 -9.45 -7.77
N ILE B 473 11.84 -8.91 -8.68
CA ILE B 473 12.21 -8.81 -10.08
C ILE B 473 12.07 -7.35 -10.48
N CYS B 474 12.73 -7.00 -11.57
CA CYS B 474 12.63 -5.65 -12.13
C CYS B 474 12.46 -5.77 -13.62
N PRO B 475 11.81 -4.77 -14.26
CA PRO B 475 11.66 -4.82 -15.71
C PRO B 475 13.01 -4.62 -16.37
N PRO B 476 13.33 -5.42 -17.40
CA PRO B 476 14.67 -5.36 -17.99
C PRO B 476 14.82 -4.21 -19.00
N VAL B 477 13.72 -3.53 -19.31
CA VAL B 477 13.74 -2.21 -19.96
C VAL B 477 12.90 -1.24 -19.13
N THR B 478 13.14 0.06 -19.33
CA THR B 478 12.40 1.11 -18.64
C THR B 478 10.92 1.05 -19.03
N ARG B 479 10.06 1.29 -18.05
CA ARG B 479 8.63 1.33 -18.27
C ARG B 479 8.11 2.66 -17.71
N ASN B 480 7.02 3.15 -18.29
CA ASN B 480 6.31 4.34 -17.82
C ASN B 480 4.80 4.05 -17.90
N GLU B 481 3.97 5.05 -17.64
CA GLU B 481 2.53 4.80 -17.57
C GLU B 481 1.81 4.64 -18.91
N THR B 482 2.54 4.77 -20.03
CA THR B 482 2.02 4.33 -21.33
C THR B 482 1.98 2.80 -21.38
N HIS B 483 2.93 2.18 -20.71
CA HIS B 483 2.94 0.73 -20.59
C HIS B 483 1.90 0.28 -19.57
N PHE B 484 1.35 -0.91 -19.82
CA PHE B 484 0.34 -1.50 -18.96
C PHE B 484 0.69 -2.97 -18.84
N ASP B 485 1.69 -3.25 -18.01
CA ASP B 485 2.29 -4.58 -17.96
C ASP B 485 1.38 -5.63 -17.30
N ALA B 486 0.49 -5.20 -16.40
CA ALA B 486 -0.55 -6.09 -15.86
C ALA B 486 -1.44 -6.67 -16.97
N GLY B 487 -1.74 -5.86 -17.99
CA GLY B 487 -2.55 -6.29 -19.11
C GLY B 487 -1.96 -7.37 -20.00
N ALA B 488 -0.65 -7.55 -19.94
CA ALA B 488 0.04 -8.58 -20.69
C ALA B 488 0.01 -9.97 -20.00
N LYS B 489 -0.78 -10.09 -18.93
CA LYS B 489 -1.06 -11.38 -18.28
C LYS B 489 -2.52 -11.77 -18.56
N PHE B 490 -2.74 -12.96 -19.12
CA PHE B 490 -4.09 -13.41 -19.58
C PHE B 490 -5.24 -12.94 -18.70
N HIS B 491 -5.10 -13.18 -17.40
CA HIS B 491 -6.24 -13.09 -16.47
C HIS B 491 -6.74 -11.67 -16.28
N VAL B 492 -5.90 -10.69 -16.60
CA VAL B 492 -6.29 -9.28 -16.42
C VAL B 492 -7.31 -8.87 -17.51
N PRO B 493 -6.92 -8.82 -18.78
CA PRO B 493 -7.97 -8.54 -19.79
C PRO B 493 -9.11 -9.61 -19.88
N ASN B 494 -8.86 -10.85 -19.48
CA ASN B 494 -9.91 -11.87 -19.50
C ASN B 494 -10.70 -11.99 -18.21
N VAL B 495 -10.58 -10.96 -17.36
CA VAL B 495 -11.34 -10.79 -16.11
C VAL B 495 -11.52 -12.05 -15.25
N THR B 496 -10.44 -12.80 -15.11
CA THR B 496 -10.44 -14.00 -14.33
C THR B 496 -9.70 -13.67 -13.05
N PRO B 497 -10.38 -13.83 -11.89
CA PRO B 497 -9.65 -13.57 -10.64
C PRO B 497 -8.45 -14.49 -10.46
N TYR B 498 -7.53 -14.02 -9.61
CA TYR B 498 -6.22 -14.67 -9.45
C TYR B 498 -5.91 -15.22 -8.06
N ILE B 499 -6.52 -14.69 -7.00
CA ILE B 499 -6.17 -15.12 -5.65
C ILE B 499 -6.44 -16.62 -5.42
N ARG B 500 -7.41 -17.16 -6.14
CA ARG B 500 -7.65 -18.61 -6.26
C ARG B 500 -6.38 -19.44 -6.47
N TYR B 501 -5.40 -18.91 -7.20
CA TYR B 501 -4.15 -19.67 -7.45
C TYR B 501 -3.24 -19.69 -6.24
N PHE B 502 -3.14 -18.55 -5.53
CA PHE B 502 -2.43 -18.53 -4.25
C PHE B 502 -3.11 -19.51 -3.29
N VAL B 503 -4.44 -19.43 -3.17
CA VAL B 503 -5.16 -20.35 -2.28
C VAL B 503 -4.93 -21.81 -2.69
N SER B 504 -5.00 -22.06 -3.99
CA SER B 504 -4.75 -23.39 -4.55
C SER B 504 -3.39 -23.96 -4.23
N PHE B 505 -2.36 -23.12 -4.26
CA PHE B 505 -1.01 -23.63 -4.10
C PHE B 505 -0.73 -24.08 -2.65
N VAL B 506 -1.44 -23.51 -1.69
CA VAL B 506 -1.36 -23.92 -0.29
C VAL B 506 -2.23 -25.16 -0.08
N LEU B 507 -3.46 -25.05 -0.52
CA LEU B 507 -4.49 -26.07 -0.41
C LEU B 507 -4.08 -27.42 -1.01
N GLN B 508 -3.45 -27.40 -2.19
CA GLN B 508 -3.06 -28.65 -2.84
C GLN B 508 -2.09 -29.51 -2.00
N PHE B 509 -1.25 -28.89 -1.18
CA PHE B 509 -0.37 -29.65 -0.30
C PHE B 509 -1.11 -30.18 0.92
N GLN B 510 -2.11 -29.45 1.40
CA GLN B 510 -3.02 -29.95 2.39
C GLN B 510 -3.75 -31.18 1.86
N PHE B 511 -4.30 -31.07 0.63
CA PHE B 511 -5.00 -32.20 -0.02
C PHE B 511 -4.07 -33.40 -0.23
N HIS B 512 -2.85 -33.14 -0.68
CA HIS B 512 -1.86 -34.20 -0.95
C HIS B 512 -1.52 -35.02 0.30
N GLU B 513 -1.21 -34.31 1.39
CA GLU B 513 -0.98 -34.95 2.69
C GLU B 513 -2.17 -35.81 3.12
N ALA B 514 -3.38 -35.25 3.02
CA ALA B 514 -4.60 -35.96 3.42
C ALA B 514 -4.87 -37.20 2.59
N LEU B 515 -4.57 -37.15 1.30
CA LEU B 515 -4.81 -38.27 0.41
C LEU B 515 -3.74 -39.34 0.58
N CYS B 516 -2.50 -38.91 0.76
CA CYS B 516 -1.37 -39.80 0.99
C CYS B 516 -1.49 -40.59 2.29
N LYS B 517 -1.88 -39.91 3.37
CA LYS B 517 -2.20 -40.61 4.62
C LYS B 517 -3.32 -41.62 4.38
N GLU B 518 -4.40 -41.16 3.76
CA GLU B 518 -5.56 -41.99 3.46
C GLU B 518 -5.26 -43.20 2.55
N ALA B 519 -4.25 -43.09 1.69
CA ALA B 519 -3.80 -44.21 0.88
C ALA B 519 -2.98 -45.26 1.65
N GLY B 520 -2.65 -44.98 2.91
CA GLY B 520 -1.80 -45.87 3.72
C GLY B 520 -0.33 -45.65 3.47
N TYR B 521 0.02 -44.59 2.74
CA TYR B 521 1.41 -44.28 2.45
C TYR B 521 2.08 -43.73 3.73
N GLU B 522 3.35 -44.08 3.92
CA GLU B 522 4.10 -43.74 5.14
C GLU B 522 5.51 -43.16 4.96
N GLY B 523 6.04 -43.12 3.73
CA GLY B 523 7.34 -42.51 3.45
C GLY B 523 7.29 -40.98 3.48
N PRO B 524 8.36 -40.32 2.97
CA PRO B 524 8.34 -38.85 2.90
C PRO B 524 7.16 -38.37 2.07
N LEU B 525 6.48 -37.33 2.53
CA LEU B 525 5.29 -36.81 1.84
C LEU B 525 5.54 -36.48 0.36
N HIS B 526 6.74 -36.01 0.06
CA HIS B 526 7.14 -35.67 -1.32
C HIS B 526 7.50 -36.87 -2.23
N GLN B 527 7.53 -38.08 -1.68
CA GLN B 527 7.70 -39.30 -2.47
C GLN B 527 6.39 -40.08 -2.62
N CYS B 528 5.30 -39.53 -2.06
CA CYS B 528 4.00 -40.17 -2.13
C CYS B 528 3.42 -40.16 -3.56
N ASP B 529 2.75 -41.26 -3.90
CA ASP B 529 2.04 -41.39 -5.16
C ASP B 529 0.72 -42.05 -4.81
N ILE B 530 -0.38 -41.34 -5.02
CA ILE B 530 -1.73 -41.85 -4.73
C ILE B 530 -2.38 -42.68 -5.85
N TYR B 531 -1.65 -42.90 -6.94
CA TYR B 531 -2.08 -43.75 -8.05
C TYR B 531 -2.68 -45.04 -7.53
N ARG B 532 -3.85 -45.40 -8.05
CA ARG B 532 -4.54 -46.68 -7.72
C ARG B 532 -5.12 -46.79 -6.30
N SER B 533 -4.99 -45.74 -5.48
CA SER B 533 -5.65 -45.75 -4.18
C SER B 533 -7.10 -45.37 -4.34
N THR B 534 -7.95 -46.39 -4.24
CA THR B 534 -9.39 -46.18 -4.29
C THR B 534 -9.89 -45.47 -3.01
N LYS B 535 -9.16 -45.63 -1.90
CA LYS B 535 -9.50 -44.91 -0.66
C LYS B 535 -9.19 -43.41 -0.82
N ALA B 536 -8.03 -43.08 -1.36
CA ALA B 536 -7.71 -41.67 -1.66
C ALA B 536 -8.76 -41.09 -2.62
N GLY B 537 -9.10 -41.87 -3.64
CA GLY B 537 -10.15 -41.50 -4.60
C GLY B 537 -11.51 -41.25 -4.01
N ALA B 538 -11.90 -42.08 -3.05
CA ALA B 538 -13.19 -41.90 -2.36
C ALA B 538 -13.19 -40.61 -1.54
N LYS B 539 -12.08 -40.33 -0.85
CA LYS B 539 -11.97 -39.10 -0.07
C LYS B 539 -12.06 -37.85 -0.97
N LEU B 540 -11.36 -37.87 -2.12
CA LEU B 540 -11.44 -36.75 -3.08
C LEU B 540 -12.84 -36.61 -3.70
N ARG B 541 -13.49 -37.74 -4.00
CA ARG B 541 -14.82 -37.72 -4.59
C ARG B 541 -15.82 -36.98 -3.71
N LYS B 542 -15.75 -37.24 -2.40
CA LYS B 542 -16.62 -36.59 -1.42
C LYS B 542 -16.53 -35.05 -1.53
N VAL B 543 -15.31 -34.53 -1.60
CA VAL B 543 -15.07 -33.08 -1.85
C VAL B 543 -15.74 -32.64 -3.14
N LEU B 544 -15.50 -33.38 -4.21
CA LEU B 544 -15.92 -32.94 -5.55
C LEU B 544 -17.42 -32.92 -5.76
N ARG B 545 -18.12 -33.91 -5.19
CA ARG B 545 -19.58 -33.99 -5.26
C ARG B 545 -20.28 -32.92 -4.42
N ALA B 546 -19.61 -32.36 -3.41
CA ALA B 546 -20.20 -31.31 -2.56
C ALA B 546 -20.48 -30.01 -3.31
N GLY B 547 -19.73 -29.75 -4.40
CA GLY B 547 -19.85 -28.47 -5.09
C GLY B 547 -19.61 -27.32 -4.11
N SER B 548 -20.45 -26.29 -4.18
CA SER B 548 -20.49 -25.27 -3.13
C SER B 548 -21.76 -25.41 -2.24
N SER B 549 -22.21 -26.65 -2.02
CA SER B 549 -23.39 -26.91 -1.20
C SER B 549 -23.13 -26.61 0.29
N ARG B 550 -21.89 -26.80 0.74
CA ARG B 550 -21.47 -26.59 2.12
C ARG B 550 -20.28 -25.62 2.25
N PRO B 551 -20.18 -24.90 3.37
CA PRO B 551 -19.01 -24.04 3.63
C PRO B 551 -17.67 -24.75 3.41
N TRP B 552 -16.74 -24.07 2.74
CA TRP B 552 -15.47 -24.69 2.33
C TRP B 552 -14.66 -25.11 3.55
N GLN B 553 -14.84 -24.39 4.65
CA GLN B 553 -14.15 -24.69 5.90
C GLN B 553 -14.55 -26.07 6.42
N GLU B 554 -15.83 -26.40 6.28
CA GLU B 554 -16.37 -27.70 6.70
C GLU B 554 -15.90 -28.83 5.78
N VAL B 555 -16.03 -28.60 4.48
CA VAL B 555 -15.52 -29.54 3.46
C VAL B 555 -14.04 -29.81 3.67
N LEU B 556 -13.26 -28.76 3.97
CA LEU B 556 -11.84 -28.91 4.23
C LEU B 556 -11.60 -29.71 5.52
N LYS B 557 -12.37 -29.42 6.58
CA LYS B 557 -12.29 -30.19 7.86
C LYS B 557 -12.49 -31.70 7.62
N ASP B 558 -13.55 -32.05 6.90
CA ASP B 558 -13.86 -33.43 6.53
C ASP B 558 -12.70 -34.11 5.83
N MET B 559 -12.03 -33.38 4.94
CA MET B 559 -10.94 -33.96 4.14
C MET B 559 -9.61 -34.01 4.88
N VAL B 560 -9.20 -32.91 5.50
CA VAL B 560 -7.82 -32.82 6.06
C VAL B 560 -7.73 -32.75 7.58
N GLY B 561 -8.84 -32.56 8.28
CA GLY B 561 -8.85 -32.50 9.75
C GLY B 561 -8.84 -31.09 10.33
N LEU B 562 -8.55 -30.11 9.48
CA LEU B 562 -8.39 -28.70 9.85
C LEU B 562 -9.40 -27.92 9.01
N ASP B 563 -9.98 -26.85 9.57
CA ASP B 563 -11.00 -26.07 8.86
C ASP B 563 -10.46 -24.81 8.16
N ALA B 564 -9.14 -24.70 8.05
CA ALA B 564 -8.53 -23.49 7.51
C ALA B 564 -7.31 -23.80 6.63
N LEU B 565 -6.97 -22.82 5.78
CA LEU B 565 -5.74 -22.87 4.98
C LEU B 565 -4.54 -22.92 5.90
N ASP B 566 -3.57 -23.76 5.57
CA ASP B 566 -2.46 -24.01 6.48
C ASP B 566 -1.26 -24.37 5.63
N ALA B 567 -0.13 -23.71 5.92
CA ALA B 567 1.09 -23.83 5.15
C ALA B 567 1.97 -25.00 5.54
N GLN B 568 1.66 -25.66 6.65
CA GLN B 568 2.56 -26.66 7.22
C GLN B 568 2.77 -27.85 6.30
N PRO B 569 1.69 -28.32 5.65
CA PRO B 569 1.90 -29.42 4.68
C PRO B 569 2.86 -29.04 3.53
N LEU B 570 2.69 -27.84 2.97
CA LEU B 570 3.65 -27.33 2.00
C LEU B 570 5.05 -27.26 2.60
N LEU B 571 5.19 -26.70 3.79
CA LEU B 571 6.51 -26.58 4.41
C LEU B 571 7.12 -27.98 4.65
N LYS B 572 6.28 -28.92 5.06
CA LYS B 572 6.70 -30.29 5.33
C LYS B 572 7.15 -30.99 4.05
N TYR B 573 6.46 -30.71 2.93
CA TYR B 573 6.83 -31.26 1.63
C TYR B 573 8.25 -30.84 1.24
N PHE B 574 8.54 -29.54 1.40
CA PHE B 574 9.81 -28.96 0.93
C PHE B 574 10.97 -28.95 1.94
N GLN B 575 10.72 -29.33 3.19
CA GLN B 575 11.74 -29.30 4.30
C GLN B 575 13.23 -29.49 3.91
N LEU B 576 13.55 -30.56 3.18
CA LEU B 576 14.94 -30.88 2.84
C LEU B 576 15.62 -29.87 1.93
N VAL B 577 14.91 -29.37 0.92
CA VAL B 577 15.49 -28.40 -0.01
C VAL B 577 15.48 -27.00 0.61
N THR B 578 14.54 -26.74 1.51
CA THR B 578 14.53 -25.53 2.28
C THR B 578 15.83 -25.42 3.10
N GLN B 579 16.21 -26.50 3.77
CA GLN B 579 17.46 -26.55 4.54
C GLN B 579 18.68 -26.48 3.63
N TRP B 580 18.69 -27.31 2.59
CA TRP B 580 19.81 -27.30 1.65
C TRP B 580 20.02 -25.91 1.04
N LEU B 581 18.91 -25.24 0.71
CA LEU B 581 18.98 -23.93 0.06
C LEU B 581 19.57 -22.85 0.98
N GLN B 582 19.11 -22.79 2.22
CA GLN B 582 19.71 -21.91 3.23
C GLN B 582 21.22 -22.11 3.31
N GLU B 583 21.63 -23.37 3.44
CA GLU B 583 23.03 -23.73 3.56
C GLU B 583 23.83 -23.23 2.38
N GLN B 584 23.35 -23.50 1.15
CA GLN B 584 24.05 -23.04 -0.06
C GLN B 584 24.25 -21.53 -0.10
N ASN B 585 23.21 -20.79 0.26
CA ASN B 585 23.24 -19.34 0.23
C ASN B 585 24.19 -18.76 1.28
N GLN B 586 24.14 -19.29 2.51
CA GLN B 586 25.10 -18.93 3.58
C GLN B 586 26.55 -19.20 3.17
N GLN B 587 26.81 -20.36 2.58
CA GLN B 587 28.16 -20.71 2.10
C GLN B 587 28.64 -19.80 0.99
N ASN B 588 27.74 -19.37 0.11
CA ASN B 588 28.06 -18.38 -0.93
C ASN B 588 27.98 -16.94 -0.44
N GLY B 589 27.58 -16.74 0.82
CA GLY B 589 27.50 -15.41 1.40
C GLY B 589 26.44 -14.55 0.73
N GLU B 590 25.32 -15.16 0.39
CA GLU B 590 24.24 -14.44 -0.30
C GLU B 590 23.55 -13.49 0.64
N VAL B 591 23.13 -12.35 0.11
CA VAL B 591 22.18 -11.49 0.79
C VAL B 591 20.78 -11.99 0.41
N LEU B 592 19.94 -12.30 1.39
CA LEU B 592 18.56 -12.62 1.14
C LEU B 592 17.76 -11.34 0.91
N GLY B 593 17.10 -11.26 -0.25
CA GLY B 593 16.34 -10.08 -0.62
C GLY B 593 17.08 -9.30 -1.65
N TRP B 594 16.59 -8.10 -1.90
CA TRP B 594 17.07 -7.25 -2.97
C TRP B 594 17.15 -5.81 -2.45
N PRO B 595 18.06 -5.57 -1.49
CA PRO B 595 18.17 -4.22 -0.89
C PRO B 595 18.51 -3.08 -1.88
N GLU B 596 19.16 -3.38 -2.99
CA GLU B 596 19.32 -2.43 -4.10
C GLU B 596 18.06 -2.44 -4.97
N TYR B 597 16.98 -1.93 -4.38
CA TYR B 597 15.63 -2.05 -4.92
C TYR B 597 15.42 -1.20 -6.16
N GLN B 598 16.25 -0.17 -6.35
CA GLN B 598 16.22 0.68 -7.53
C GLN B 598 16.89 0.07 -8.75
N TRP B 599 17.66 -0.99 -8.56
CA TRP B 599 18.54 -1.45 -9.63
C TRP B 599 17.74 -1.99 -10.82
N HIS B 600 18.16 -1.59 -12.02
CA HIS B 600 17.70 -2.18 -13.27
C HIS B 600 18.93 -2.55 -14.12
N PRO B 601 18.87 -3.64 -14.91
CA PRO B 601 19.99 -3.96 -15.79
C PRO B 601 20.17 -2.95 -16.94
N PRO B 602 21.40 -2.84 -17.51
CA PRO B 602 21.57 -2.03 -18.71
C PRO B 602 20.97 -2.73 -19.96
N LEU B 603 20.76 -1.97 -21.02
CA LEU B 603 20.39 -2.55 -22.31
C LEU B 603 21.63 -3.25 -22.89
N PRO B 604 21.43 -4.38 -23.60
CA PRO B 604 22.59 -5.02 -24.24
C PRO B 604 23.18 -4.26 -25.41
N ASP B 605 24.38 -4.67 -25.82
CA ASP B 605 25.10 -4.13 -26.99
C ASP B 605 24.25 -4.11 -28.26
N ASN B 606 24.07 -2.92 -28.84
CA ASN B 606 23.42 -2.74 -30.14
C ASN B 606 21.94 -3.13 -30.20
N TYR B 607 21.25 -3.10 -29.05
CA TYR B 607 19.87 -3.57 -28.94
C TYR B 607 18.94 -2.55 -29.60
N PRO B 608 18.00 -2.96 -30.47
CA PRO B 608 17.65 -4.36 -30.80
C PRO B 608 18.27 -4.96 -32.07
N GLU B 609 19.27 -4.30 -32.67
CA GLU B 609 19.92 -4.81 -33.88
C GLU B 609 20.69 -6.12 -33.62
N GLY B 610 20.75 -6.99 -34.62
CA GLY B 610 21.48 -8.26 -34.52
C GLY B 610 20.90 -9.26 -33.53
#